data_2WNA
# 
_entry.id   2WNA 
# 
_audit_conform.dict_name       mmcif_pdbx.dic 
_audit_conform.dict_version    5.391 
_audit_conform.dict_location   http://mmcif.pdb.org/dictionaries/ascii/mmcif_pdbx.dic 
# 
loop_
_database_2.database_id 
_database_2.database_code 
_database_2.pdbx_database_accession 
_database_2.pdbx_DOI 
PDB   2WNA         pdb_00002wna 10.2210/pdb2wna/pdb 
PDBE  EBI-40348    ?            ?                   
WWPDB D_1290040348 ?            ?                   
# 
loop_
_pdbx_audit_revision_history.ordinal 
_pdbx_audit_revision_history.data_content_type 
_pdbx_audit_revision_history.major_revision 
_pdbx_audit_revision_history.minor_revision 
_pdbx_audit_revision_history.revision_date 
1 'Structure model' 1 0 2010-02-16 
2 'Structure model' 1 1 2011-05-08 
3 'Structure model' 1 2 2011-07-13 
4 'Structure model' 1 3 2024-05-08 
# 
_pdbx_audit_revision_details.ordinal             1 
_pdbx_audit_revision_details.revision_ordinal    1 
_pdbx_audit_revision_details.data_content_type   'Structure model' 
_pdbx_audit_revision_details.provider            repository 
_pdbx_audit_revision_details.type                'Initial release' 
_pdbx_audit_revision_details.description         ? 
_pdbx_audit_revision_details.details             ? 
# 
loop_
_pdbx_audit_revision_group.ordinal 
_pdbx_audit_revision_group.revision_ordinal 
_pdbx_audit_revision_group.data_content_type 
_pdbx_audit_revision_group.group 
1 2 'Structure model' 'Version format compliance' 
2 3 'Structure model' 'Version format compliance' 
3 4 'Structure model' 'Data collection'           
4 4 'Structure model' 'Database references'       
5 4 'Structure model' 'Derived calculations'      
6 4 'Structure model' Other                       
# 
loop_
_pdbx_audit_revision_category.ordinal 
_pdbx_audit_revision_category.revision_ordinal 
_pdbx_audit_revision_category.data_content_type 
_pdbx_audit_revision_category.category 
1 4 'Structure model' chem_comp_atom               
2 4 'Structure model' chem_comp_bond               
3 4 'Structure model' database_2                   
4 4 'Structure model' pdbx_database_status         
5 4 'Structure model' pdbx_struct_conn_angle       
6 4 'Structure model' pdbx_struct_special_symmetry 
7 4 'Structure model' struct_conn                  
8 4 'Structure model' struct_site                  
# 
loop_
_pdbx_audit_revision_item.ordinal 
_pdbx_audit_revision_item.revision_ordinal 
_pdbx_audit_revision_item.data_content_type 
_pdbx_audit_revision_item.item 
1  4 'Structure model' '_database_2.pdbx_DOI'                      
2  4 'Structure model' '_database_2.pdbx_database_accession'       
3  4 'Structure model' '_pdbx_database_status.status_code_sf'      
4  4 'Structure model' '_pdbx_struct_conn_angle.ptnr1_auth_seq_id' 
5  4 'Structure model' '_pdbx_struct_conn_angle.ptnr3_auth_seq_id' 
6  4 'Structure model' '_pdbx_struct_conn_angle.value'             
7  4 'Structure model' '_struct_conn.pdbx_dist_value'              
8  4 'Structure model' '_struct_conn.pdbx_leaving_atom_flag'       
9  4 'Structure model' '_struct_conn.ptnr2_auth_seq_id'            
10 4 'Structure model' '_struct_site.pdbx_auth_asym_id'            
11 4 'Structure model' '_struct_site.pdbx_auth_comp_id'            
12 4 'Structure model' '_struct_site.pdbx_auth_seq_id'             
# 
_pdbx_database_status.status_code                     REL 
_pdbx_database_status.entry_id                        2WNA 
_pdbx_database_status.deposit_site                    PDBE 
_pdbx_database_status.process_site                    PDBE 
_pdbx_database_status.SG_entry                        . 
_pdbx_database_status.recvd_initial_deposition_date   2009-07-07 
_pdbx_database_status.pdb_format_compatible           Y 
_pdbx_database_status.status_code_sf                  REL 
_pdbx_database_status.status_code_mr                  ? 
_pdbx_database_status.status_code_cs                  ? 
_pdbx_database_status.methods_development_category    ? 
_pdbx_database_status.status_code_nmr_data            ? 
# 
loop_
_audit_author.name 
_audit_author.pdbx_ordinal 
'Schlegel, M.K.' 1 
'Essen, L.-O.'   2 
'Meggers, E.'    3 
# 
loop_
_citation.id 
_citation.title 
_citation.journal_abbrev 
_citation.journal_volume 
_citation.page_first 
_citation.page_last 
_citation.year 
_citation.journal_id_ASTM 
_citation.country 
_citation.journal_id_ISSN 
_citation.journal_id_CSD 
_citation.book_publisher 
_citation.pdbx_database_id_PubMed 
_citation.pdbx_database_id_DOI 
primary 'Atomic Resolution Duplex Structure of the Simplified Nucleic Acid Gna.' 'Chem.Commun.(Camb.)' 46  1094 ? 2010 ?      UK 
1359-7345 ?    ? 20126724 10.1039/B916851F  
1       'Duplex Structure of a Minimal Nucleic Acid.'                            J.Am.Chem.Soc.        130 8158 ? 2008 JACSAT US 
0002-7863 0004 ? 18529005 10.1021/JA802788G 
# 
loop_
_citation_author.citation_id 
_citation_author.name 
_citation_author.ordinal 
_citation_author.identifier_ORCID 
primary 'Schlegel, M.K.' 1 ? 
primary 'Essen, L.-O.'   2 ? 
primary 'Meggers, E.'    3 ? 
1       'Schlegel, M.K.' 4 ? 
1       'Essen, L.-O.'   5 ? 
1       'Meggers, E.'    6 ? 
# 
loop_
_entity.id 
_entity.type 
_entity.src_method 
_entity.pdbx_description 
_entity.formula_weight 
_entity.pdbx_number_of_molecules 
_entity.pdbx_ec 
_entity.pdbx_mutation 
_entity.pdbx_fragment 
_entity.details 
1 polymer     syn GNA                     1636.884 1  ? ? ? 
;SYNTHETIC GLYCOL NUCLEIC ACID, 3'-(S)-((ZGU)P(ZBC)P(ZGU)P(ZCY)P(ZGU)P(ZCY))-2'
;
2 non-polymer syn 'COBALT HEXAMMINE(III)' 161.116  2  ? ? ? ? 
3 non-polymer syn 'MAGNESIUM ION'         24.305   1  ? ? ? ? 
4 water       nat water                   18.015   58 ? ? ? ? 
# 
_entity_poly.entity_id                      1 
_entity_poly.type                           polyribonucleotide 
_entity_poly.nstd_linkage                   no 
_entity_poly.nstd_monomer                   yes 
_entity_poly.pdbx_seq_one_letter_code       '(ZGU)(ZBC)(ZGU)(ZCY)(ZGU)(ZCY)' 
_entity_poly.pdbx_seq_one_letter_code_can   GCGCGC 
_entity_poly.pdbx_strand_id                 A 
_entity_poly.pdbx_target_identifier         ? 
# 
loop_
_pdbx_entity_nonpoly.entity_id 
_pdbx_entity_nonpoly.name 
_pdbx_entity_nonpoly.comp_id 
2 'COBALT HEXAMMINE(III)' NCO 
3 'MAGNESIUM ION'         MG  
4 water                   HOH 
# 
loop_
_entity_poly_seq.entity_id 
_entity_poly_seq.num 
_entity_poly_seq.mon_id 
_entity_poly_seq.hetero 
1 1 ZGU n 
1 2 ZBC n 
1 3 ZGU n 
1 4 ZCY n 
1 5 ZGU n 
1 6 ZCY n 
# 
_pdbx_entity_src_syn.entity_id              1 
_pdbx_entity_src_syn.pdbx_src_id            1 
_pdbx_entity_src_syn.pdbx_alt_source_flag   sample 
_pdbx_entity_src_syn.pdbx_beg_seq_num       ? 
_pdbx_entity_src_syn.pdbx_end_seq_num       ? 
_pdbx_entity_src_syn.organism_scientific    'HOMO SAPIENS' 
_pdbx_entity_src_syn.organism_common_name   ? 
_pdbx_entity_src_syn.ncbi_taxonomy_id       9606 
_pdbx_entity_src_syn.details                ? 
# 
loop_
_chem_comp.id 
_chem_comp.type 
_chem_comp.mon_nstd_flag 
_chem_comp.name 
_chem_comp.pdbx_synonyms 
_chem_comp.formula 
_chem_comp.formula_weight 
HOH non-polymer   . WATER                                                                                   ? 'H2 O'              
18.015  
MG  non-polymer   . 'MAGNESIUM ION'                                                                         ? 'Mg 2'              
24.305  
NCO non-polymer   . 'COBALT HEXAMMINE(III)'                                                                 ? 'Co H18 N6 3'       
161.116 
ZBC 'RNA linking' n '(2S)-3-(4-AMINO-5-BROMO-2-OXOPYRIMIDIN-1(2H)-YL)-2-HYDROXYPROPYL DIHYDROGEN PHOSPHATE' ? 'C7 H11 Br N3 O6 P' 
344.057 
ZCY 'RNA linking' n "(S)-1'-(2',3'-DIHYDROXYPROPYL)-CYTOSINE"                                               ? 'C7 H12 N3 O6 P'    
265.160 
ZGU 'RNA linking' n "(S)-1'-(2',3'-DIHYDROXYPROPYL)-GUANINE"                                                ? 'C8 H12 N5 O6 P'    
305.185 
# 
loop_
_pdbx_poly_seq_scheme.asym_id 
_pdbx_poly_seq_scheme.entity_id 
_pdbx_poly_seq_scheme.seq_id 
_pdbx_poly_seq_scheme.mon_id 
_pdbx_poly_seq_scheme.ndb_seq_num 
_pdbx_poly_seq_scheme.pdb_seq_num 
_pdbx_poly_seq_scheme.auth_seq_num 
_pdbx_poly_seq_scheme.pdb_mon_id 
_pdbx_poly_seq_scheme.auth_mon_id 
_pdbx_poly_seq_scheme.pdb_strand_id 
_pdbx_poly_seq_scheme.pdb_ins_code 
_pdbx_poly_seq_scheme.hetero 
A 1 1 ZGU 1 1 1 ZGU ZGU A . n 
A 1 2 ZBC 2 2 2 ZBC ZBC A . n 
A 1 3 ZGU 3 3 3 ZGU ZGU A . n 
A 1 4 ZCY 4 4 4 ZCY ZCY A . n 
A 1 5 ZGU 5 5 5 ZGU ZGU A . n 
A 1 6 ZCY 6 6 6 ZCY ZCY A . n 
# 
loop_
_pdbx_nonpoly_scheme.asym_id 
_pdbx_nonpoly_scheme.entity_id 
_pdbx_nonpoly_scheme.mon_id 
_pdbx_nonpoly_scheme.ndb_seq_num 
_pdbx_nonpoly_scheme.pdb_seq_num 
_pdbx_nonpoly_scheme.auth_seq_num 
_pdbx_nonpoly_scheme.pdb_mon_id 
_pdbx_nonpoly_scheme.auth_mon_id 
_pdbx_nonpoly_scheme.pdb_strand_id 
_pdbx_nonpoly_scheme.pdb_ins_code 
B 2 NCO 1  1001 1001 NCO NCO A . 
C 2 NCO 1  1002 1002 NCO NCO A . 
D 3 MG  1  1003 1003 MG  MG  A . 
E 4 HOH 1  2001 2001 HOH HOH A . 
E 4 HOH 2  2002 2002 HOH HOH A . 
E 4 HOH 3  2003 2003 HOH HOH A . 
E 4 HOH 4  2004 2004 HOH HOH A . 
E 4 HOH 5  2005 2005 HOH HOH A . 
E 4 HOH 6  2006 2006 HOH HOH A . 
E 4 HOH 7  2007 2007 HOH HOH A . 
E 4 HOH 8  2008 2008 HOH HOH A . 
E 4 HOH 9  2009 2009 HOH HOH A . 
E 4 HOH 10 2010 2010 HOH HOH A . 
E 4 HOH 11 2011 2011 HOH HOH A . 
E 4 HOH 12 2012 2012 HOH HOH A . 
E 4 HOH 13 2013 2013 HOH HOH A . 
E 4 HOH 14 2014 2014 HOH HOH A . 
E 4 HOH 15 2015 2015 HOH HOH A . 
E 4 HOH 16 2016 2016 HOH HOH A . 
E 4 HOH 17 2017 2017 HOH HOH A . 
E 4 HOH 18 2018 2018 HOH HOH A . 
E 4 HOH 19 2019 2019 HOH HOH A . 
E 4 HOH 20 2020 2020 HOH HOH A . 
E 4 HOH 21 2021 2021 HOH HOH A . 
E 4 HOH 22 2022 2022 HOH HOH A . 
E 4 HOH 23 2023 2023 HOH HOH A . 
E 4 HOH 24 2024 2024 HOH HOH A . 
E 4 HOH 25 2025 2025 HOH HOH A . 
E 4 HOH 26 2026 2026 HOH HOH A . 
E 4 HOH 27 2027 2027 HOH HOH A . 
E 4 HOH 28 2028 2028 HOH HOH A . 
E 4 HOH 29 2029 2029 HOH HOH A . 
E 4 HOH 30 2030 2030 HOH HOH A . 
E 4 HOH 31 2031 2031 HOH HOH A . 
E 4 HOH 32 2032 2032 HOH HOH A . 
E 4 HOH 33 2033 2033 HOH HOH A . 
E 4 HOH 34 2034 2034 HOH HOH A . 
E 4 HOH 35 2035 2035 HOH HOH A . 
E 4 HOH 36 2036 2036 HOH HOH A . 
E 4 HOH 37 2037 2037 HOH HOH A . 
E 4 HOH 38 2038 2038 HOH HOH A . 
E 4 HOH 39 2039 2039 HOH HOH A . 
E 4 HOH 40 2040 2040 HOH HOH A . 
E 4 HOH 41 2041 2041 HOH HOH A . 
E 4 HOH 42 2042 2042 HOH HOH A . 
E 4 HOH 43 2043 2043 HOH HOH A . 
E 4 HOH 44 2044 2044 HOH HOH A . 
E 4 HOH 45 2045 2045 HOH HOH A . 
E 4 HOH 46 2046 2046 HOH HOH A . 
E 4 HOH 47 2047 2047 HOH HOH A . 
E 4 HOH 48 2048 2048 HOH HOH A . 
E 4 HOH 49 2049 2049 HOH HOH A . 
E 4 HOH 50 2050 2050 HOH HOH A . 
E 4 HOH 51 2051 2051 HOH HOH A . 
E 4 HOH 52 2052 2052 HOH HOH A . 
E 4 HOH 53 2053 2053 HOH HOH A . 
E 4 HOH 54 2054 2054 HOH HOH A . 
E 4 HOH 55 2055 2055 HOH HOH A . 
E 4 HOH 56 2056 2056 HOH HOH A . 
E 4 HOH 57 2057 2057 HOH HOH A . 
E 4 HOH 58 2058 2058 HOH HOH A . 
# 
loop_
_software.name 
_software.classification 
_software.version 
_software.citation_id 
_software.pdbx_ordinal 
REFMAC refinement       5.2.0019 ? 1 
XDS    'data reduction' .        ? 2 
XSCALE 'data scaling'   .        ? 3 
SHELXE phasing          .        ? 4 
# 
_cell.entry_id           2WNA 
_cell.length_a           20.420 
_cell.length_b           42.000 
_cell.length_c           28.670 
_cell.angle_alpha        90.00 
_cell.angle_beta         90.00 
_cell.angle_gamma        90.00 
_cell.Z_PDB              8 
_cell.pdbx_unique_axis   ? 
# 
_symmetry.entry_id                         2WNA 
_symmetry.space_group_name_H-M             'C 2 2 21' 
_symmetry.pdbx_full_space_group_name_H-M   ? 
_symmetry.cell_setting                     ? 
_symmetry.Int_Tables_number                20 
# 
_exptl.entry_id          2WNA 
_exptl.method            'X-RAY DIFFRACTION' 
_exptl.crystals_number   1 
# 
_exptl_crystal.id                    1 
_exptl_crystal.density_meas          ? 
_exptl_crystal.density_Matthews      1.41 
_exptl_crystal.density_percent_sol   12.73 
_exptl_crystal.description           
'LOW AND HIGH RESOLUTION DATA MERGED FROM SAME CRYSTAL. DATA RECORDING OCCURED AT PEAK WAVELENGTH OF BROMINE' 
# 
_exptl_crystal_grow.crystal_id      1 
_exptl_crystal_grow.method          ? 
_exptl_crystal_grow.temp            ? 
_exptl_crystal_grow.temp_details    ? 
_exptl_crystal_grow.pH              5.5 
_exptl_crystal_grow.pdbx_pH_range   ? 
_exptl_crystal_grow.pdbx_details    
;DROP: 2 MM G(BR)CGCGC, 10% 2-METHYL-2,4-PENTANEDIOL, 40 MM SODIUM CACODYLATE (PH 5.5), 20 MM COBALT HEXAMINE, 80 MM SODIUM CHLORIDE, 20 MM MAGNESIUM CHLORIDE RESERVOIR: 35 % MPD
;
# 
_diffrn.id                     1 
_diffrn.ambient_temp           100 
_diffrn.ambient_temp_details   ? 
_diffrn.crystal_id             1 
# 
_diffrn_detector.diffrn_id              1 
_diffrn_detector.detector               CCD 
_diffrn_detector.type                   'ADSC QUANTUM 315r' 
_diffrn_detector.pdbx_collection_date   2008-11-25 
_diffrn_detector.details                MIRRORS 
# 
_diffrn_radiation.diffrn_id                        1 
_diffrn_radiation.wavelength_id                    1 
_diffrn_radiation.pdbx_monochromatic_or_laue_m_l   M 
_diffrn_radiation.monochromator                    ? 
_diffrn_radiation.pdbx_diffrn_protocol             'SINGLE WAVELENGTH' 
_diffrn_radiation.pdbx_scattering_type             x-ray 
# 
_diffrn_radiation_wavelength.id           1 
_diffrn_radiation_wavelength.wavelength   0.91826 
_diffrn_radiation_wavelength.wt           1.0 
# 
_diffrn_source.diffrn_id                   1 
_diffrn_source.source                      SYNCHROTRON 
_diffrn_source.type                        'ESRF BEAMLINE ID29' 
_diffrn_source.pdbx_synchrotron_site       ESRF 
_diffrn_source.pdbx_synchrotron_beamline   ID29 
_diffrn_source.pdbx_wavelength             0.91826 
_diffrn_source.pdbx_wavelength_list        ? 
# 
_reflns.pdbx_diffrn_id               1 
_reflns.pdbx_ordinal                 1 
_reflns.entry_id                     2WNA 
_reflns.observed_criterion_sigma_I   -3.0 
_reflns.observed_criterion_sigma_F   ? 
_reflns.d_resolution_low             21.00 
_reflns.d_resolution_high            0.96 
_reflns.number_obs                   30224 
_reflns.number_all                   ? 
_reflns.percent_possible_obs         98.2 
_reflns.pdbx_Rmerge_I_obs            0.06 
_reflns.pdbx_Rsym_value              ? 
_reflns.pdbx_netI_over_sigmaI        17.70 
_reflns.B_iso_Wilson_estimate        4.6 
_reflns.pdbx_redundancy              3.99 
# 
_reflns_shell.pdbx_diffrn_id         1 
_reflns_shell.pdbx_ordinal           1 
_reflns_shell.d_res_high             0.96 
_reflns_shell.d_res_low              1.02 
_reflns_shell.percent_possible_all   0.9 
_reflns_shell.Rmerge_I_obs           0.13 
_reflns_shell.pdbx_Rsym_value        ? 
_reflns_shell.meanI_over_sigI_obs    7.20 
_reflns_shell.pdbx_redundancy        ? 
# 
_refine.pdbx_refine_id                           'X-RAY DIFFRACTION' 
_refine.entry_id                                 2WNA 
_refine.pdbx_diffrn_id                           1 
_refine.pdbx_TLS_residual_ADP_flag               ? 
_refine.ls_number_reflns_obs                     7025 
_refine.ls_number_reflns_all                     ? 
_refine.pdbx_ls_sigma_I                          ? 
_refine.pdbx_ls_sigma_F                          . 
_refine.pdbx_data_cutoff_high_absF               ? 
_refine.pdbx_data_cutoff_low_absF                ? 
_refine.pdbx_data_cutoff_high_rms_absF           ? 
_refine.ls_d_res_low                             8.00 
_refine.ls_d_res_high                            0.97 
_refine.ls_percent_reflns_obs                    97.93 
_refine.ls_R_factor_obs                          0.10648 
_refine.ls_R_factor_all                          ? 
_refine.ls_R_factor_R_work                       0.10503 
_refine.ls_R_factor_R_free                       0.12726 
_refine.ls_R_factor_R_free_error                 ? 
_refine.ls_R_factor_R_free_error_details         ? 
_refine.ls_percent_reflns_R_free                 7.1 
_refine.ls_number_reflns_R_free                  533 
_refine.ls_number_parameters                     ? 
_refine.ls_number_restraints                     ? 
_refine.occupancy_min                            ? 
_refine.occupancy_max                            ? 
_refine.correlation_coeff_Fo_to_Fc               0.984 
_refine.correlation_coeff_Fo_to_Fc_free          0.973 
_refine.B_iso_mean                               6.688 
_refine.aniso_B[1][1]                            0.51 
_refine.aniso_B[2][2]                            0.07 
_refine.aniso_B[3][3]                            -0.57 
_refine.aniso_B[1][2]                            0.00 
_refine.aniso_B[1][3]                            0.00 
_refine.aniso_B[2][3]                            0.00 
_refine.solvent_model_details                    MASK 
_refine.solvent_model_param_ksol                 ? 
_refine.solvent_model_param_bsol                 ? 
_refine.pdbx_solvent_vdw_probe_radii             1.20 
_refine.pdbx_solvent_ion_probe_radii             0.80 
_refine.pdbx_solvent_shrinkage_radii             0.80 
_refine.pdbx_ls_cross_valid_method               THROUGHOUT 
_refine.details                                  
'HYDROGENS HAVE BEEN ADDED IN THE RIDING POSITIONS. GNA DUPLEX OF TYPE N FORMED WITH SYMMETRY- EQUIVALENT MOLECULE' 
_refine.pdbx_starting_model                      NONE 
_refine.pdbx_method_to_determine_struct          SAD 
_refine.pdbx_isotropic_thermal_model             ? 
_refine.pdbx_stereochemistry_target_values       'MAXIMUM LIKELIHOOD' 
_refine.pdbx_stereochem_target_val_spec_case     ? 
_refine.pdbx_R_Free_selection_details            RANDOM 
_refine.pdbx_overall_ESU_R                       0.020 
_refine.pdbx_overall_ESU_R_Free                  0.021 
_refine.overall_SU_ML                            0.011 
_refine.pdbx_overall_phase_error                 ? 
_refine.overall_SU_B                             0.434 
_refine.overall_SU_R_Cruickshank_DPI             ? 
_refine.pdbx_overall_SU_R_free_Cruickshank_DPI   ? 
_refine.pdbx_overall_SU_R_Blow_DPI               ? 
_refine.pdbx_overall_SU_R_free_Blow_DPI          ? 
# 
_refine_hist.pdbx_refine_id                   'X-RAY DIFFRACTION' 
_refine_hist.cycle_id                         LAST 
_refine_hist.pdbx_number_atoms_protein        0 
_refine_hist.pdbx_number_atoms_nucleic_acid   103 
_refine_hist.pdbx_number_atoms_ligand         15 
_refine_hist.number_atoms_solvent             58 
_refine_hist.number_atoms_total               176 
_refine_hist.d_res_high                       0.97 
_refine_hist.d_res_low                        8.00 
# 
loop_
_refine_ls_restr.type 
_refine_ls_restr.dev_ideal 
_refine_ls_restr.dev_ideal_target 
_refine_ls_restr.weight 
_refine_ls_restr.number 
_refine_ls_restr.pdbx_refine_id 
_refine_ls_restr.pdbx_restraint_function 
r_bond_refined_d             0.006  0.021 ? 150 'X-RAY DIFFRACTION' ? 
r_bond_other_d               0.000  0.020 ? 53  'X-RAY DIFFRACTION' ? 
r_angle_refined_deg          3.530  3.000 ? 220 'X-RAY DIFFRACTION' ? 
r_angle_other_deg            0.698  3.000 ? 118 'X-RAY DIFFRACTION' ? 
r_dihedral_angle_1_deg       ?      ?     ? ?   'X-RAY DIFFRACTION' ? 
r_dihedral_angle_2_deg       ?      ?     ? ?   'X-RAY DIFFRACTION' ? 
r_dihedral_angle_3_deg       ?      ?     ? ?   'X-RAY DIFFRACTION' ? 
r_dihedral_angle_4_deg       ?      ?     ? ?   'X-RAY DIFFRACTION' ? 
r_chiral_restr               0.048  0.200 ? 6   'X-RAY DIFFRACTION' ? 
r_gen_planes_refined         0.009  0.020 ? 64  'X-RAY DIFFRACTION' ? 
r_gen_planes_other           0.000  0.020 ? 23  'X-RAY DIFFRACTION' ? 
r_nbd_refined                0.081  0.300 ? 11  'X-RAY DIFFRACTION' ? 
r_nbd_other                  0.296  0.300 ? 47  'X-RAY DIFFRACTION' ? 
r_nbtor_refined              0.265  0.500 ? 42  'X-RAY DIFFRACTION' ? 
r_nbtor_other                0.076  0.500 ? 30  'X-RAY DIFFRACTION' ? 
r_xyhbond_nbd_refined        0.450  0.500 ? 46  'X-RAY DIFFRACTION' ? 
r_xyhbond_nbd_other          ?      ?     ? ?   'X-RAY DIFFRACTION' ? 
r_metal_ion_refined          0.143  0.500 ? 1   'X-RAY DIFFRACTION' ? 
r_metal_ion_other            ?      ?     ? ?   'X-RAY DIFFRACTION' ? 
r_symmetry_vdw_refined       0.144  0.300 ? 13  'X-RAY DIFFRACTION' ? 
r_symmetry_vdw_other         0.449  0.300 ? 39  'X-RAY DIFFRACTION' ? 
r_symmetry_hbond_refined     0.321  0.500 ? 58  'X-RAY DIFFRACTION' ? 
r_symmetry_hbond_other       ?      ?     ? ?   'X-RAY DIFFRACTION' ? 
r_symmetry_metal_ion_refined ?      ?     ? ?   'X-RAY DIFFRACTION' ? 
r_symmetry_metal_ion_other   ?      ?     ? ?   'X-RAY DIFFRACTION' ? 
r_mcbond_it                  ?      ?     ? ?   'X-RAY DIFFRACTION' ? 
r_mcbond_other               ?      ?     ? ?   'X-RAY DIFFRACTION' ? 
r_mcangle_it                 ?      ?     ? ?   'X-RAY DIFFRACTION' ? 
r_mcangle_other              ?      ?     ? ?   'X-RAY DIFFRACTION' ? 
r_scbond_it                  2.224  2.000 ? 218 'X-RAY DIFFRACTION' ? 
r_scbond_other               ?      ?     ? ?   'X-RAY DIFFRACTION' ? 
r_scangle_it                 2.798  3.000 ? 203 'X-RAY DIFFRACTION' ? 
r_scangle_other              ?      ?     ? ?   'X-RAY DIFFRACTION' ? 
r_long_range_B_refined       ?      ?     ? ?   'X-RAY DIFFRACTION' ? 
r_long_range_B_other         ?      ?     ? ?   'X-RAY DIFFRACTION' ? 
r_rigid_bond_restr           1.253  3.000 ? 405 'X-RAY DIFFRACTION' ? 
r_sphericity_free            10.469 3.000 ? 59  'X-RAY DIFFRACTION' ? 
r_sphericity_bonded          5.229  3.000 ? 184 'X-RAY DIFFRACTION' ? 
# 
_refine_ls_shell.pdbx_refine_id                   'X-RAY DIFFRACTION' 
_refine_ls_shell.pdbx_total_number_of_bins_used   20 
_refine_ls_shell.d_res_high                       0.965 
_refine_ls_shell.d_res_low                        0.990 
_refine_ls_shell.number_reflns_R_work             423 
_refine_ls_shell.R_factor_R_work                  0.161 
_refine_ls_shell.percent_reflns_obs               83.88 
_refine_ls_shell.R_factor_R_free                  0.169 
_refine_ls_shell.R_factor_R_free_error            ? 
_refine_ls_shell.percent_reflns_R_free            ? 
_refine_ls_shell.number_reflns_R_free             40 
_refine_ls_shell.number_reflns_all                ? 
_refine_ls_shell.R_factor_all                     ? 
# 
_struct.entry_id                  2WNA 
_struct.title                     
;Crystal structure of the GNA 3'-G(Br)CGCGC-2'
;
_struct.pdbx_model_details        ? 
_struct.pdbx_CASP_flag            ? 
_struct.pdbx_model_type_details   ? 
# 
_struct_keywords.entry_id        2WNA 
_struct_keywords.pdbx_keywords   RNA 
_struct_keywords.text            'RNA, GNA, NUCLEIC ACID, GLYCOL NUCLEIC ACID, WATSON-CRICK BASE PAIR' 
# 
loop_
_struct_asym.id 
_struct_asym.pdbx_blank_PDB_chainid_flag 
_struct_asym.pdbx_modified 
_struct_asym.entity_id 
_struct_asym.details 
A N N 1 ? 
B N N 2 ? 
C N N 2 ? 
D N N 3 ? 
E N N 4 ? 
# 
_struct_ref.id                         1 
_struct_ref.db_name                    PDB 
_struct_ref.db_code                    2WNA 
_struct_ref.entity_id                  1 
_struct_ref.pdbx_seq_one_letter_code   ? 
_struct_ref.pdbx_align_begin           ? 
_struct_ref.pdbx_db_accession          2WNA 
_struct_ref.pdbx_db_isoform            ? 
# 
_struct_ref_seq.align_id                      1 
_struct_ref_seq.ref_id                        1 
_struct_ref_seq.pdbx_PDB_id_code              2WNA 
_struct_ref_seq.pdbx_strand_id                A 
_struct_ref_seq.seq_align_beg                 1 
_struct_ref_seq.pdbx_seq_align_beg_ins_code   ? 
_struct_ref_seq.seq_align_end                 6 
_struct_ref_seq.pdbx_seq_align_end_ins_code   ? 
_struct_ref_seq.pdbx_db_accession             2WNA 
_struct_ref_seq.db_align_beg                  1 
_struct_ref_seq.pdbx_db_align_beg_ins_code    ? 
_struct_ref_seq.db_align_end                  6 
_struct_ref_seq.pdbx_db_align_end_ins_code    ? 
_struct_ref_seq.pdbx_auth_seq_align_beg       1 
_struct_ref_seq.pdbx_auth_seq_align_end       6 
# 
_pdbx_struct_assembly.id                   1 
_pdbx_struct_assembly.details              author_and_software_defined_assembly 
_pdbx_struct_assembly.method_details       PISA 
_pdbx_struct_assembly.oligomeric_details   dimeric 
_pdbx_struct_assembly.oligomeric_count     2 
# 
_pdbx_struct_assembly_gen.assembly_id       1 
_pdbx_struct_assembly_gen.oper_expression   1,2 
_pdbx_struct_assembly_gen.asym_id_list      A,B,C,D,E 
# 
loop_
_pdbx_struct_oper_list.id 
_pdbx_struct_oper_list.type 
_pdbx_struct_oper_list.name 
_pdbx_struct_oper_list.symmetry_operation 
_pdbx_struct_oper_list.matrix[1][1] 
_pdbx_struct_oper_list.matrix[1][2] 
_pdbx_struct_oper_list.matrix[1][3] 
_pdbx_struct_oper_list.vector[1] 
_pdbx_struct_oper_list.matrix[2][1] 
_pdbx_struct_oper_list.matrix[2][2] 
_pdbx_struct_oper_list.matrix[2][3] 
_pdbx_struct_oper_list.vector[2] 
_pdbx_struct_oper_list.matrix[3][1] 
_pdbx_struct_oper_list.matrix[3][2] 
_pdbx_struct_oper_list.matrix[3][3] 
_pdbx_struct_oper_list.vector[3] 
1 'identity operation'         1_555 x,y,z         1.0000000000  0.0000000000 0.0000000000  0.0000000000  0.0000000000 1.0000000000  0.0000000000  0.0000000000 0.0000000000  0.0000000000  1.0000000000  0.0000000000 
2 'crystal symmetry operation' 3_855 -x+3,y,-z+1/2 -0.3919274558 0.5804588913 -0.7137649087 -3.4022303334 0.5804588913 -0.4459007767 -0.6813515780 6.1212041157 -0.7137649087 -0.6813515780 -0.1621717675 2.0795425514 
# 
_struct_biol.id   1 
# 
loop_
_struct_conn.id 
_struct_conn.conn_type_id 
_struct_conn.pdbx_leaving_atom_flag 
_struct_conn.pdbx_PDB_id 
_struct_conn.ptnr1_label_asym_id 
_struct_conn.ptnr1_label_comp_id 
_struct_conn.ptnr1_label_seq_id 
_struct_conn.ptnr1_label_atom_id 
_struct_conn.pdbx_ptnr1_label_alt_id 
_struct_conn.pdbx_ptnr1_PDB_ins_code 
_struct_conn.pdbx_ptnr1_standard_comp_id 
_struct_conn.ptnr1_symmetry 
_struct_conn.ptnr2_label_asym_id 
_struct_conn.ptnr2_label_comp_id 
_struct_conn.ptnr2_label_seq_id 
_struct_conn.ptnr2_label_atom_id 
_struct_conn.pdbx_ptnr2_label_alt_id 
_struct_conn.pdbx_ptnr2_PDB_ins_code 
_struct_conn.ptnr1_auth_asym_id 
_struct_conn.ptnr1_auth_comp_id 
_struct_conn.ptnr1_auth_seq_id 
_struct_conn.ptnr2_auth_asym_id 
_struct_conn.ptnr2_auth_comp_id 
_struct_conn.ptnr2_auth_seq_id 
_struct_conn.ptnr2_symmetry 
_struct_conn.pdbx_ptnr3_label_atom_id 
_struct_conn.pdbx_ptnr3_label_seq_id 
_struct_conn.pdbx_ptnr3_label_comp_id 
_struct_conn.pdbx_ptnr3_label_asym_id 
_struct_conn.pdbx_ptnr3_label_alt_id 
_struct_conn.pdbx_ptnr3_PDB_ins_code 
_struct_conn.details 
_struct_conn.pdbx_dist_value 
_struct_conn.pdbx_value_order 
_struct_conn.pdbx_role 
covale1  covale one ? A ZGU 1 O2G ? ? ? 1_555 A ZBC 2 P  ? ? A ZGU 1    A ZBC 2    1_555 ? ? ? ? ? ? ?            1.582 ? ? 
covale2  covale one ? A ZBC 2 O2G ? ? ? 1_555 A ZGU 3 P  ? ? A ZBC 2    A ZGU 3    1_555 ? ? ? ? ? ? ?            1.590 ? ? 
covale3  covale one ? A ZGU 3 O2G ? ? ? 1_555 A ZCY 4 P  ? ? A ZGU 3    A ZCY 4    1_555 ? ? ? ? ? ? ?            1.587 ? ? 
covale4  covale one ? A ZCY 4 O2G ? ? ? 1_555 A ZGU 5 P  ? ? A ZCY 4    A ZGU 5    1_555 ? ? ? ? ? ? ?            1.583 ? ? 
covale5  covale one ? A ZGU 5 O2G ? ? ? 1_555 A ZCY 6 P  ? ? A ZGU 5    A ZCY 6    1_555 ? ? ? ? ? ? ?            1.595 ? ? 
metalc1  metalc ?   ? D MG  . MG  ? ? ? 1_555 E HOH . O  ? ? A MG  1003 A HOH 2005 1_555 ? ? ? ? ? ? ?            1.847 ? ? 
metalc2  metalc ?   ? D MG  . MG  ? ? ? 1_555 E HOH . O  ? ? A MG  1003 A HOH 2006 4_576 ? ? ? ? ? ? ?            2.303 ? ? 
metalc3  metalc ?   ? D MG  . MG  ? ? ? 1_555 E HOH . O  ? ? A MG  1003 A HOH 2009 1_555 ? ? ? ? ? ? ?            2.133 ? ? 
metalc4  metalc ?   ? D MG  . MG  ? ? ? 1_555 E HOH . O  ? ? A MG  1003 A HOH 2010 1_555 ? ? ? ? ? ? ?            2.088 ? ? 
hydrog1  hydrog ?   ? A ZGU 1 N1  ? ? ? 1_555 A ZCY 6 N3 ? ? A ZGU 1    A ZCY 6    3_855 ? ? ? ? ? ? WATSON-CRICK ?     ? ? 
hydrog2  hydrog ?   ? A ZGU 1 N2  ? ? ? 1_555 A ZCY 6 O2 ? ? A ZGU 1    A ZCY 6    3_855 ? ? ? ? ? ? WATSON-CRICK ?     ? ? 
hydrog3  hydrog ?   ? A ZGU 1 O6  ? ? ? 1_555 A ZCY 6 N4 ? ? A ZGU 1    A ZCY 6    3_855 ? ? ? ? ? ? WATSON-CRICK ?     ? ? 
hydrog4  hydrog ?   ? A ZBC 2 N3  ? ? ? 1_555 A ZGU 5 N1 ? ? A ZBC 2    A ZGU 5    3_855 ? ? ? ? ? ? WATSON-CRICK ?     ? ? 
hydrog5  hydrog ?   ? A ZBC 2 N4  ? ? ? 1_555 A ZGU 5 O6 ? ? A ZBC 2    A ZGU 5    3_855 ? ? ? ? ? ? WATSON-CRICK ?     ? ? 
hydrog6  hydrog ?   ? A ZBC 2 O2  ? ? ? 1_555 A ZGU 5 N2 ? ? A ZBC 2    A ZGU 5    3_855 ? ? ? ? ? ? WATSON-CRICK ?     ? ? 
hydrog7  hydrog ?   ? A ZGU 3 N1  ? ? ? 1_555 A ZCY 4 N3 ? ? A ZGU 3    A ZCY 4    3_855 ? ? ? ? ? ? WATSON-CRICK ?     ? ? 
hydrog8  hydrog ?   ? A ZGU 3 N2  ? ? ? 1_555 A ZCY 4 O2 ? ? A ZGU 3    A ZCY 4    3_855 ? ? ? ? ? ? WATSON-CRICK ?     ? ? 
hydrog9  hydrog ?   ? A ZGU 3 O6  ? ? ? 1_555 A ZCY 4 N4 ? ? A ZGU 3    A ZCY 4    3_855 ? ? ? ? ? ? WATSON-CRICK ?     ? ? 
hydrog10 hydrog ?   ? A ZCY 4 N3  ? ? ? 1_555 A ZGU 3 N1 ? ? A ZCY 4    A ZGU 3    3_855 ? ? ? ? ? ? WATSON-CRICK ?     ? ? 
hydrog11 hydrog ?   ? A ZCY 4 N4  ? ? ? 1_555 A ZGU 3 O6 ? ? A ZCY 4    A ZGU 3    3_855 ? ? ? ? ? ? WATSON-CRICK ?     ? ? 
hydrog12 hydrog ?   ? A ZCY 4 O2  ? ? ? 1_555 A ZGU 3 N2 ? ? A ZCY 4    A ZGU 3    3_855 ? ? ? ? ? ? WATSON-CRICK ?     ? ? 
hydrog13 hydrog ?   ? A ZGU 5 N1  ? ? ? 1_555 A ZBC 2 N3 ? ? A ZGU 5    A ZBC 2    3_855 ? ? ? ? ? ? WATSON-CRICK ?     ? ? 
hydrog14 hydrog ?   ? A ZGU 5 N2  ? ? ? 1_555 A ZBC 2 O2 ? ? A ZGU 5    A ZBC 2    3_855 ? ? ? ? ? ? WATSON-CRICK ?     ? ? 
hydrog15 hydrog ?   ? A ZGU 5 O6  ? ? ? 1_555 A ZBC 2 N4 ? ? A ZGU 5    A ZBC 2    3_855 ? ? ? ? ? ? WATSON-CRICK ?     ? ? 
hydrog16 hydrog ?   ? A ZCY 6 N3  ? ? ? 1_555 A ZGU 1 N1 ? ? A ZCY 6    A ZGU 1    3_855 ? ? ? ? ? ? WATSON-CRICK ?     ? ? 
hydrog17 hydrog ?   ? A ZCY 6 N4  ? ? ? 1_555 A ZGU 1 O6 ? ? A ZCY 6    A ZGU 1    3_855 ? ? ? ? ? ? WATSON-CRICK ?     ? ? 
hydrog18 hydrog ?   ? A ZCY 6 O2  ? ? ? 1_555 A ZGU 1 N2 ? ? A ZCY 6    A ZGU 1    3_855 ? ? ? ? ? ? WATSON-CRICK ?     ? ? 
# 
loop_
_struct_conn_type.id 
_struct_conn_type.criteria 
_struct_conn_type.reference 
covale ? ? 
metalc ? ? 
hydrog ? ? 
# 
loop_
_pdbx_struct_conn_angle.id 
_pdbx_struct_conn_angle.ptnr1_label_atom_id 
_pdbx_struct_conn_angle.ptnr1_label_alt_id 
_pdbx_struct_conn_angle.ptnr1_label_asym_id 
_pdbx_struct_conn_angle.ptnr1_label_comp_id 
_pdbx_struct_conn_angle.ptnr1_label_seq_id 
_pdbx_struct_conn_angle.ptnr1_auth_atom_id 
_pdbx_struct_conn_angle.ptnr1_auth_asym_id 
_pdbx_struct_conn_angle.ptnr1_auth_comp_id 
_pdbx_struct_conn_angle.ptnr1_auth_seq_id 
_pdbx_struct_conn_angle.ptnr1_PDB_ins_code 
_pdbx_struct_conn_angle.ptnr1_symmetry 
_pdbx_struct_conn_angle.ptnr2_label_atom_id 
_pdbx_struct_conn_angle.ptnr2_label_alt_id 
_pdbx_struct_conn_angle.ptnr2_label_asym_id 
_pdbx_struct_conn_angle.ptnr2_label_comp_id 
_pdbx_struct_conn_angle.ptnr2_label_seq_id 
_pdbx_struct_conn_angle.ptnr2_auth_atom_id 
_pdbx_struct_conn_angle.ptnr2_auth_asym_id 
_pdbx_struct_conn_angle.ptnr2_auth_comp_id 
_pdbx_struct_conn_angle.ptnr2_auth_seq_id 
_pdbx_struct_conn_angle.ptnr2_PDB_ins_code 
_pdbx_struct_conn_angle.ptnr2_symmetry 
_pdbx_struct_conn_angle.ptnr3_label_atom_id 
_pdbx_struct_conn_angle.ptnr3_label_alt_id 
_pdbx_struct_conn_angle.ptnr3_label_asym_id 
_pdbx_struct_conn_angle.ptnr3_label_comp_id 
_pdbx_struct_conn_angle.ptnr3_label_seq_id 
_pdbx_struct_conn_angle.ptnr3_auth_atom_id 
_pdbx_struct_conn_angle.ptnr3_auth_asym_id 
_pdbx_struct_conn_angle.ptnr3_auth_comp_id 
_pdbx_struct_conn_angle.ptnr3_auth_seq_id 
_pdbx_struct_conn_angle.ptnr3_PDB_ins_code 
_pdbx_struct_conn_angle.ptnr3_symmetry 
_pdbx_struct_conn_angle.value 
_pdbx_struct_conn_angle.value_esd 
1 O ? E HOH . ? A HOH 2005 ? 1_555 MG ? D MG . ? A MG 1003 ? 1_555 O ? E HOH . ? A HOH 2006 ? 4_576 90.4  ? 
2 O ? E HOH . ? A HOH 2005 ? 1_555 MG ? D MG . ? A MG 1003 ? 1_555 O ? E HOH . ? A HOH 2009 ? 1_555 102.7 ? 
3 O ? E HOH . ? A HOH 2006 ? 4_576 MG ? D MG . ? A MG 1003 ? 1_555 O ? E HOH . ? A HOH 2009 ? 1_555 164.5 ? 
4 O ? E HOH . ? A HOH 2005 ? 1_555 MG ? D MG . ? A MG 1003 ? 1_555 O ? E HOH . ? A HOH 2010 ? 1_555 72.6  ? 
5 O ? E HOH . ? A HOH 2006 ? 4_576 MG ? D MG . ? A MG 1003 ? 1_555 O ? E HOH . ? A HOH 2010 ? 1_555 97.0  ? 
6 O ? E HOH . ? A HOH 2009 ? 1_555 MG ? D MG . ? A MG 1003 ? 1_555 O ? E HOH . ? A HOH 2010 ? 1_555 94.8  ? 
# 
loop_
_struct_site.id 
_struct_site.pdbx_evidence_code 
_struct_site.pdbx_auth_asym_id 
_struct_site.pdbx_auth_comp_id 
_struct_site.pdbx_auth_seq_id 
_struct_site.pdbx_auth_ins_code 
_struct_site.pdbx_num_residues 
_struct_site.details 
AC1 Software A NCO 1001 ? 11 'BINDING SITE FOR RESIDUE NCO A 1001' 
AC2 Software A NCO 1002 ? 15 'BINDING SITE FOR RESIDUE NCO A 1002' 
AC3 Software A MG  1003 ? 5  'BINDING SITE FOR RESIDUE MG A 1003'  
# 
loop_
_struct_site_gen.id 
_struct_site_gen.site_id 
_struct_site_gen.pdbx_num_res 
_struct_site_gen.label_comp_id 
_struct_site_gen.label_asym_id 
_struct_site_gen.label_seq_id 
_struct_site_gen.pdbx_auth_ins_code 
_struct_site_gen.auth_comp_id 
_struct_site_gen.auth_asym_id 
_struct_site_gen.auth_seq_id 
_struct_site_gen.label_atom_id 
_struct_site_gen.label_alt_id 
_struct_site_gen.symmetry 
_struct_site_gen.details 
1  AC1 11 ZGU A 3 ? ZGU A 3    . ? 4_475 ? 
2  AC1 11 ZCY A 6 ? ZCY A 6    . ? 1_555 ? 
3  AC1 11 HOH E . ? HOH A 2023 . ? 4_475 ? 
4  AC1 11 HOH E . ? HOH A 2034 . ? 1_455 ? 
5  AC1 11 HOH E . ? HOH A 2035 . ? 1_455 ? 
6  AC1 11 HOH E . ? HOH A 2046 . ? 1_555 ? 
7  AC1 11 HOH E . ? HOH A 2047 . ? 1_555 ? 
8  AC1 11 HOH E . ? HOH A 2049 . ? 1_555 ? 
9  AC1 11 HOH E . ? HOH A 2050 . ? 1_555 ? 
10 AC1 11 HOH E . ? HOH A 2051 . ? 1_555 ? 
11 AC1 11 HOH E . ? HOH A 2052 . ? 1_555 ? 
12 AC2 15 ZBC A 2 ? ZBC A 2    . ? 5_445 ? 
13 AC2 15 ZGU A 5 ? ZGU A 5    . ? 8_465 ? 
14 AC2 15 ZGU A 5 ? ZGU A 5    . ? 1_555 ? 
15 AC2 15 ZCY A 6 ? ZCY A 6    . ? 8_465 ? 
16 AC2 15 ZCY A 6 ? ZCY A 6    . ? 1_555 ? 
17 AC2 15 HOH E . ? HOH A 2002 . ? 5_445 ? 
18 AC2 15 HOH E . ? HOH A 2020 . ? 5_445 ? 
19 AC2 15 HOH E . ? HOH A 2021 . ? 5_445 ? 
20 AC2 15 HOH E . ? HOH A 2053 . ? 1_555 ? 
21 AC2 15 HOH E . ? HOH A 2054 . ? 1_555 ? 
22 AC2 15 HOH E . ? HOH A 2055 . ? 3_755 ? 
23 AC2 15 HOH E . ? HOH A 2055 . ? 1_555 ? 
24 AC2 15 HOH E . ? HOH A 2056 . ? 1_555 ? 
25 AC2 15 HOH E . ? HOH A 2057 . ? 1_555 ? 
26 AC2 15 HOH E . ? HOH A 2058 . ? 1_555 ? 
27 AC3 5  HOH E . ? HOH A 2005 . ? 1_555 ? 
28 AC3 5  HOH E . ? HOH A 2006 . ? 4_576 ? 
29 AC3 5  HOH E . ? HOH A 2007 . ? 4_576 ? 
30 AC3 5  HOH E . ? HOH A 2009 . ? 1_555 ? 
31 AC3 5  HOH E . ? HOH A 2010 . ? 1_555 ? 
# 
loop_
_pdbx_validate_close_contact.id 
_pdbx_validate_close_contact.PDB_model_num 
_pdbx_validate_close_contact.auth_atom_id_1 
_pdbx_validate_close_contact.auth_asym_id_1 
_pdbx_validate_close_contact.auth_comp_id_1 
_pdbx_validate_close_contact.auth_seq_id_1 
_pdbx_validate_close_contact.PDB_ins_code_1 
_pdbx_validate_close_contact.label_alt_id_1 
_pdbx_validate_close_contact.auth_atom_id_2 
_pdbx_validate_close_contact.auth_asym_id_2 
_pdbx_validate_close_contact.auth_comp_id_2 
_pdbx_validate_close_contact.auth_seq_id_2 
_pdbx_validate_close_contact.PDB_ins_code_2 
_pdbx_validate_close_contact.label_alt_id_2 
_pdbx_validate_close_contact.dist 
1 1 HN63 A NCO 1001 ? B O A HOH 2047 ? ? 0.95 
2 1 N6   A NCO 1001 ? B O A HOH 2047 ? ? 1.26 
3 1 HN62 A NCO 1001 ? B O A HOH 2047 ? ? 1.29 
4 1 N1   A NCO 1001 ? B O A HOH 2052 ? ? 1.99 
# 
loop_
_pdbx_struct_mod_residue.id 
_pdbx_struct_mod_residue.label_asym_id 
_pdbx_struct_mod_residue.label_comp_id 
_pdbx_struct_mod_residue.label_seq_id 
_pdbx_struct_mod_residue.auth_asym_id 
_pdbx_struct_mod_residue.auth_comp_id 
_pdbx_struct_mod_residue.auth_seq_id 
_pdbx_struct_mod_residue.PDB_ins_code 
_pdbx_struct_mod_residue.parent_comp_id 
_pdbx_struct_mod_residue.details 
1 A ZGU 1 A ZGU 1 ? G "(S)-1'-(2',3'-DIHYDROXYPROPYL)-GUANINE"  
2 A ZBC 2 A ZBC 2 ? C ?                                         
3 A ZGU 3 A ZGU 3 ? G "(S)-1'-(2',3'-DIHYDROXYPROPYL)-GUANINE"  
4 A ZCY 4 A ZCY 4 ? C "(S)-1'-(2',3'-DIHYDROXYPROPYL)-CYTOSINE" 
5 A ZGU 5 A ZGU 5 ? G "(S)-1'-(2',3'-DIHYDROXYPROPYL)-GUANINE"  
6 A ZCY 6 A ZCY 6 ? C "(S)-1'-(2',3'-DIHYDROXYPROPYL)-CYTOSINE" 
# 
_pdbx_struct_special_symmetry.id              1 
_pdbx_struct_special_symmetry.PDB_model_num   1 
_pdbx_struct_special_symmetry.auth_asym_id    A 
_pdbx_struct_special_symmetry.auth_comp_id    NCO 
_pdbx_struct_special_symmetry.auth_seq_id     1001 
_pdbx_struct_special_symmetry.PDB_ins_code    ? 
_pdbx_struct_special_symmetry.label_asym_id   B 
_pdbx_struct_special_symmetry.label_comp_id   NCO 
_pdbx_struct_special_symmetry.label_seq_id    . 
# 
_pdbx_entry_details.entry_id                 2WNA 
_pdbx_entry_details.compound_details         ? 
_pdbx_entry_details.source_details           ? 
_pdbx_entry_details.nonpolymer_details       
;(S)-1'-(2',3'-DIHYDROXYPROPYL)-5-BROMO-CYTOSINE (ZBC): ZCY
 ANALOG BEARING A BROMINE AT C5
COBALT HEXAMMINE(III) (NCO): COBALT HEXAMINNE COMPLEXES
 SHOW DISORDER, CHARGE +3
MAGNESIUM ION (MG): CHARGE +2
;
_pdbx_entry_details.sequence_details         'CYTOSINE A2 IS BROMINATED AT C5 FOR SAD ANALYSIS' 
_pdbx_entry_details.has_ligand_of_interest   ? 
# 
loop_
_pdbx_distant_solvent_atoms.id 
_pdbx_distant_solvent_atoms.PDB_model_num 
_pdbx_distant_solvent_atoms.auth_atom_id 
_pdbx_distant_solvent_atoms.label_alt_id 
_pdbx_distant_solvent_atoms.auth_asym_id 
_pdbx_distant_solvent_atoms.auth_comp_id 
_pdbx_distant_solvent_atoms.auth_seq_id 
_pdbx_distant_solvent_atoms.PDB_ins_code 
_pdbx_distant_solvent_atoms.neighbor_macromolecule_distance 
_pdbx_distant_solvent_atoms.neighbor_ligand_distance 
1 1 O ? A HOH 2009 ? 5.95 . 
2 1 O ? A HOH 2011 ? 6.45 . 
3 1 O ? A HOH 2012 ? 6.28 . 
# 
loop_
_chem_comp_atom.comp_id 
_chem_comp_atom.atom_id 
_chem_comp_atom.type_symbol 
_chem_comp_atom.pdbx_aromatic_flag 
_chem_comp_atom.pdbx_stereo_config 
_chem_comp_atom.pdbx_ordinal 
HOH O    O  N N 1   
HOH H1   H  N N 2   
HOH H2   H  N N 3   
MG  MG   MG N N 4   
NCO CO   CO N N 5   
NCO N1   N  N N 6   
NCO N2   N  N N 7   
NCO N3   N  N N 8   
NCO N4   N  N N 9   
NCO N5   N  N N 10  
NCO N6   N  N N 11  
NCO HN11 H  N N 12  
NCO HN12 H  N N 13  
NCO HN13 H  N N 14  
NCO HN21 H  N N 15  
NCO HN22 H  N N 16  
NCO HN23 H  N N 17  
NCO HN31 H  N N 18  
NCO HN32 H  N N 19  
NCO HN33 H  N N 20  
NCO HN41 H  N N 21  
NCO HN42 H  N N 22  
NCO HN43 H  N N 23  
NCO HN51 H  N N 24  
NCO HN52 H  N N 25  
NCO HN53 H  N N 26  
NCO HN61 H  N N 27  
NCO HN62 H  N N 28  
NCO HN63 H  N N 29  
ZBC P    P  N N 30  
ZBC BR5  BR N N 31  
ZBC C5   C  N N 32  
ZBC C4   C  N N 33  
ZBC N4   N  N N 34  
ZBC N3   N  N N 35  
ZBC C2   C  N N 36  
ZBC O2   O  N N 37  
ZBC C6   C  N N 38  
ZBC N1   N  N N 39  
ZBC C1G  C  N N 40  
ZBC C2G  C  N S 41  
ZBC O2G  O  N N 42  
ZBC C3G  C  N N 43  
ZBC O3G  O  N N 44  
ZBC O1P  O  N N 45  
ZBC O2P  O  N N 46  
ZBC OXT  O  N N 47  
ZBC H2P  H  N N 48  
ZBC HXT  H  N N 49  
ZBC H6   H  N N 50  
ZBC H41N H  N N 51  
ZBC H42N H  N N 52  
ZBC H1G1 H  N N 53  
ZBC H1G2 H  N N 54  
ZBC H2G  H  N N 55  
ZBC HA   H  N N 56  
ZBC H3G1 H  N N 57  
ZBC H3G2 H  N N 58  
ZCY O2   O  N N 59  
ZCY C2   C  N N 60  
ZCY N3   N  N N 61  
ZCY C4   C  N N 62  
ZCY N4   N  N N 63  
ZCY C5   C  N N 64  
ZCY C6   C  N N 65  
ZCY N1   N  N N 66  
ZCY C1G  C  N N 67  
ZCY C2G  C  N S 68  
ZCY O2G  O  N N 69  
ZCY C3G  C  N N 70  
ZCY O3G  O  N N 71  
ZCY P    P  N N 72  
ZCY O2P  O  N N 73  
ZCY O1P  O  N N 74  
ZCY OXT  O  N N 75  
ZCY H4N1 H  N N 76  
ZCY H4N2 H  N N 77  
ZCY H5   H  N N 78  
ZCY H6   H  N N 79  
ZCY H1G1 H  N N 80  
ZCY H1G2 H  N N 81  
ZCY H2G  H  N N 82  
ZCY H3G1 H  N N 83  
ZCY H3G2 H  N N 84  
ZCY H2P  H  N N 85  
ZCY H2   H  N N 86  
ZCY HXT  H  N N 87  
ZGU P    P  N N 88  
ZGU O1P  O  N N 89  
ZGU O2P  O  N N 90  
ZGU O3G  O  N N 91  
ZGU C3G  C  N N 92  
ZGU C2G  C  N S 93  
ZGU O2G  O  N N 94  
ZGU C1G  C  N N 95  
ZGU N9   N  Y N 96  
ZGU C8   C  Y N 97  
ZGU N7   N  Y N 98  
ZGU C4   C  Y N 99  
ZGU C5   C  Y N 100 
ZGU N3   N  N N 101 
ZGU C2   C  N N 102 
ZGU N2   N  N N 103 
ZGU N1   N  N N 104 
ZGU C6   C  N N 105 
ZGU O6   O  N N 106 
ZGU OXT  O  N N 107 
ZGU H1P  H  N N 108 
ZGU HOT  H  N N 109 
ZGU H3G1 H  N N 110 
ZGU H3G2 H  N N 111 
ZGU H2G  H  N N 112 
ZGU HA   H  N N 113 
ZGU H1G1 H  N N 114 
ZGU H1G2 H  N N 115 
ZGU H8   H  N N 116 
ZGU H2N1 H  N N 117 
ZGU H2N2 H  N N 118 
ZGU H1   H  N N 119 
# 
loop_
_chem_comp_bond.comp_id 
_chem_comp_bond.atom_id_1 
_chem_comp_bond.atom_id_2 
_chem_comp_bond.value_order 
_chem_comp_bond.pdbx_aromatic_flag 
_chem_comp_bond.pdbx_stereo_config 
_chem_comp_bond.pdbx_ordinal 
HOH O   H1   sing N N 1   
HOH O   H2   sing N N 2   
NCO CO  N1   sing N N 3   
NCO CO  N2   sing N N 4   
NCO CO  N3   sing N N 5   
NCO CO  N4   sing N N 6   
NCO CO  N5   sing N N 7   
NCO CO  N6   sing N N 8   
NCO N1  HN11 sing N N 9   
NCO N1  HN12 sing N N 10  
NCO N1  HN13 sing N N 11  
NCO N2  HN21 sing N N 12  
NCO N2  HN22 sing N N 13  
NCO N2  HN23 sing N N 14  
NCO N3  HN31 sing N N 15  
NCO N3  HN32 sing N N 16  
NCO N3  HN33 sing N N 17  
NCO N4  HN41 sing N N 18  
NCO N4  HN42 sing N N 19  
NCO N4  HN43 sing N N 20  
NCO N5  HN51 sing N N 21  
NCO N5  HN52 sing N N 22  
NCO N5  HN53 sing N N 23  
NCO N6  HN61 sing N N 24  
NCO N6  HN62 sing N N 25  
NCO N6  HN63 sing N N 26  
ZBC P   O3G  sing N N 27  
ZBC P   O1P  doub N N 28  
ZBC P   O2P  sing N N 29  
ZBC P   OXT  sing N N 30  
ZBC BR5 C5   sing N N 31  
ZBC C5  C4   sing N N 32  
ZBC C5  C6   doub N N 33  
ZBC C4  N4   sing N N 34  
ZBC C4  N3   doub N N 35  
ZBC N3  C2   sing N N 36  
ZBC C2  O2   doub N N 37  
ZBC C2  N1   sing N N 38  
ZBC C6  N1   sing N N 39  
ZBC N1  C1G  sing N N 40  
ZBC C1G C2G  sing N N 41  
ZBC C2G O2G  sing N N 42  
ZBC C2G C3G  sing N N 43  
ZBC C3G O3G  sing N N 44  
ZBC O2P H2P  sing N N 45  
ZBC OXT HXT  sing N N 46  
ZBC C6  H6   sing N N 47  
ZBC N4  H41N sing N N 48  
ZBC N4  H42N sing N N 49  
ZBC C1G H1G1 sing N N 50  
ZBC C1G H1G2 sing N N 51  
ZBC C2G H2G  sing N N 52  
ZBC O2G HA   sing N N 53  
ZBC C3G H3G1 sing N N 54  
ZBC C3G H3G2 sing N N 55  
ZCY O2  C2   doub N N 56  
ZCY C2  N3   sing N N 57  
ZCY C2  N1   sing N N 58  
ZCY N3  C4   doub N N 59  
ZCY C4  N4   sing N N 60  
ZCY C4  C5   sing N N 61  
ZCY C5  C6   doub N N 62  
ZCY C6  N1   sing N N 63  
ZCY N1  C1G  sing N N 64  
ZCY C1G C2G  sing N N 65  
ZCY C2G O2G  sing N N 66  
ZCY C2G C3G  sing N N 67  
ZCY O2G H2G  sing N N 68  
ZCY C3G O3G  sing N N 69  
ZCY O3G P    sing N N 70  
ZCY P   O2P  sing N N 71  
ZCY P   O1P  doub N N 72  
ZCY N4  H4N1 sing N N 73  
ZCY N4  H4N2 sing N N 74  
ZCY C5  H5   sing N N 75  
ZCY C6  H6   sing N N 76  
ZCY C1G H1G1 sing N N 77  
ZCY C1G H1G2 sing N N 78  
ZCY C2G H2   sing N N 79  
ZCY C3G H3G1 sing N N 80  
ZCY C3G H3G2 sing N N 81  
ZCY O2P H2P  sing N N 82  
ZCY P   OXT  sing N N 83  
ZCY OXT HXT  sing N N 84  
ZGU P   O1P  sing N N 85  
ZGU P   O2P  doub N N 86  
ZGU P   O3G  sing N N 87  
ZGU P   OXT  sing N N 88  
ZGU O3G C3G  sing N N 89  
ZGU C3G C2G  sing N N 90  
ZGU C2G O2G  sing N N 91  
ZGU C2G C1G  sing N N 92  
ZGU C1G N9   sing N N 93  
ZGU N9  C8   sing Y N 94  
ZGU N9  C4   sing Y N 95  
ZGU C8  N7   doub Y N 96  
ZGU N7  C5   sing Y N 97  
ZGU C4  C5   doub Y N 98  
ZGU C4  N3   sing N N 99  
ZGU C5  C6   sing N N 100 
ZGU N3  C2   doub N N 101 
ZGU C2  N2   sing N N 102 
ZGU C2  N1   sing N N 103 
ZGU N1  C6   sing N N 104 
ZGU C6  O6   doub N N 105 
ZGU O1P H1P  sing N N 106 
ZGU OXT HOT  sing N N 107 
ZGU C3G H3G1 sing N N 108 
ZGU C3G H3G2 sing N N 109 
ZGU C2G H2G  sing N N 110 
ZGU O2G HA   sing N N 111 
ZGU C1G H1G1 sing N N 112 
ZGU C1G H1G2 sing N N 113 
ZGU C8  H8   sing N N 114 
ZGU N2  H2N1 sing N N 115 
ZGU N2  H2N2 sing N N 116 
ZGU N1  H1   sing N N 117 
# 
loop_
_ndb_struct_conf_na.entry_id 
_ndb_struct_conf_na.feature 
2WNA 'double helix'         
2WNA 'mismatched base pair' 
# 
loop_
_ndb_struct_na_base_pair.model_number 
_ndb_struct_na_base_pair.i_label_asym_id 
_ndb_struct_na_base_pair.i_label_comp_id 
_ndb_struct_na_base_pair.i_label_seq_id 
_ndb_struct_na_base_pair.i_symmetry 
_ndb_struct_na_base_pair.j_label_asym_id 
_ndb_struct_na_base_pair.j_label_comp_id 
_ndb_struct_na_base_pair.j_label_seq_id 
_ndb_struct_na_base_pair.j_symmetry 
_ndb_struct_na_base_pair.shear 
_ndb_struct_na_base_pair.stretch 
_ndb_struct_na_base_pair.stagger 
_ndb_struct_na_base_pair.buckle 
_ndb_struct_na_base_pair.propeller 
_ndb_struct_na_base_pair.opening 
_ndb_struct_na_base_pair.pair_number 
_ndb_struct_na_base_pair.pair_name 
_ndb_struct_na_base_pair.i_auth_asym_id 
_ndb_struct_na_base_pair.i_auth_seq_id 
_ndb_struct_na_base_pair.i_PDB_ins_code 
_ndb_struct_na_base_pair.j_auth_asym_id 
_ndb_struct_na_base_pair.j_auth_seq_id 
_ndb_struct_na_base_pair.j_PDB_ins_code 
_ndb_struct_na_base_pair.hbond_type_28 
_ndb_struct_na_base_pair.hbond_type_12 
1 A ZGU 1 1_555 A ZCY 6 3_855 0.082  -0.130 -0.200 -1.501 -12.399 1.108 1 A_ZGU1:ZCY6_A A 1 ? A 6 ? 19 1 
1 A ZBC 2 1_555 A ZGU 5 3_855 -0.139 -0.136 0.221  -4.554 1.011   3.294 2 A_ZBC2:ZGU5_A A 2 ? A 5 ? 19 1 
1 A ZGU 3 1_555 A ZCY 4 3_855 0.149  -0.126 0.026  1.296  0.405   1.192 3 A_ZGU3:ZCY4_A A 3 ? A 4 ? 19 1 
1 A ZCY 4 1_555 A ZGU 3 3_855 -0.149 -0.126 0.026  -1.296 0.405   1.192 4 A_ZCY4:ZGU3_A A 4 ? A 3 ? 19 1 
1 A ZGU 5 1_555 A ZBC 2 3_855 0.139  -0.136 0.221  4.554  1.011   3.294 5 A_ZGU5:ZBC2_A A 5 ? A 2 ? 19 1 
1 A ZCY 6 1_555 A ZGU 1 3_855 -0.082 -0.130 -0.200 1.501  -12.399 1.108 6 A_ZCY6:ZGU1_A A 6 ? A 1 ? 19 1 
# 
loop_
_ndb_struct_na_base_pair_step.model_number 
_ndb_struct_na_base_pair_step.i_label_asym_id_1 
_ndb_struct_na_base_pair_step.i_label_comp_id_1 
_ndb_struct_na_base_pair_step.i_label_seq_id_1 
_ndb_struct_na_base_pair_step.i_symmetry_1 
_ndb_struct_na_base_pair_step.j_label_asym_id_1 
_ndb_struct_na_base_pair_step.j_label_comp_id_1 
_ndb_struct_na_base_pair_step.j_label_seq_id_1 
_ndb_struct_na_base_pair_step.j_symmetry_1 
_ndb_struct_na_base_pair_step.i_label_asym_id_2 
_ndb_struct_na_base_pair_step.i_label_comp_id_2 
_ndb_struct_na_base_pair_step.i_label_seq_id_2 
_ndb_struct_na_base_pair_step.i_symmetry_2 
_ndb_struct_na_base_pair_step.j_label_asym_id_2 
_ndb_struct_na_base_pair_step.j_label_comp_id_2 
_ndb_struct_na_base_pair_step.j_label_seq_id_2 
_ndb_struct_na_base_pair_step.j_symmetry_2 
_ndb_struct_na_base_pair_step.shift 
_ndb_struct_na_base_pair_step.slide 
_ndb_struct_na_base_pair_step.rise 
_ndb_struct_na_base_pair_step.tilt 
_ndb_struct_na_base_pair_step.roll 
_ndb_struct_na_base_pair_step.twist 
_ndb_struct_na_base_pair_step.x_displacement 
_ndb_struct_na_base_pair_step.y_displacement 
_ndb_struct_na_base_pair_step.helical_rise 
_ndb_struct_na_base_pair_step.inclination 
_ndb_struct_na_base_pair_step.tip 
_ndb_struct_na_base_pair_step.helical_twist 
_ndb_struct_na_base_pair_step.step_number 
_ndb_struct_na_base_pair_step.step_name 
_ndb_struct_na_base_pair_step.i_auth_asym_id_1 
_ndb_struct_na_base_pair_step.i_auth_seq_id_1 
_ndb_struct_na_base_pair_step.i_PDB_ins_code_1 
_ndb_struct_na_base_pair_step.j_auth_asym_id_1 
_ndb_struct_na_base_pair_step.j_auth_seq_id_1 
_ndb_struct_na_base_pair_step.j_PDB_ins_code_1 
_ndb_struct_na_base_pair_step.i_auth_asym_id_2 
_ndb_struct_na_base_pair_step.i_auth_seq_id_2 
_ndb_struct_na_base_pair_step.i_PDB_ins_code_2 
_ndb_struct_na_base_pair_step.j_auth_asym_id_2 
_ndb_struct_na_base_pair_step.j_auth_seq_id_2 
_ndb_struct_na_base_pair_step.j_PDB_ins_code_2 
1 A ZGU 1 1_555 A ZCY 6 3_855 A ZBC 2 1_555 A ZGU 5 3_855 -0.374 -3.429 3.333 0.666  6.153 43.725 -5.110  0.557  2.844 8.213  
-0.889 44.140 1 AA_ZGU1ZBC2:ZGU5ZCY6_AA A 1 ? A 6 ? A 2 ? A 5 ? 
1 A ZBC 2 1_555 A ZGU 5 3_855 A ZGU 3 1_555 A ZCY 4 3_855 -0.111 -4.629 3.124 0.700  4.923 23.781 -12.263 0.442  2.132 11.781 
-1.674 24.288 2 AA_ZBC2ZGU3:ZCY4ZGU5_AA A 2 ? A 5 ? A 3 ? A 4 ? 
1 A ZGU 3 1_555 A ZCY 4 3_855 A ZCY 4 1_555 A ZGU 3 3_855 0.000  -2.663 3.380 0.000  7.366 48.351 -3.765  0.000  2.968 8.933  
0.000  48.875 3 AA_ZGU3ZCY4:ZGU3ZCY4_AA A 3 ? A 4 ? A 4 ? A 3 ? 
1 A ZCY 4 1_555 A ZGU 3 3_855 A ZGU 5 1_555 A ZBC 2 3_855 0.111  -4.629 3.124 -0.700 4.923 23.781 -12.263 -0.442 2.132 11.781 
1.674  24.288 4 AA_ZCY4ZGU5:ZBC2ZGU3_AA A 4 ? A 3 ? A 5 ? A 2 ? 
1 A ZGU 5 1_555 A ZBC 2 3_855 A ZCY 6 1_555 A ZGU 1 3_855 0.374  -3.429 3.333 -0.666 6.153 43.725 -5.110  -0.557 2.844 8.213  
0.889  44.140 5 AA_ZGU5ZCY6:ZGU1ZBC2_AA A 5 ? A 2 ? A 6 ? A 1 ? 
# 
_atom_sites.entry_id                    2WNA 
_atom_sites.fract_transf_matrix[1][1]   -0.04078789 
_atom_sites.fract_transf_matrix[1][2]   0.01917990 
_atom_sites.fract_transf_matrix[1][3]   -0.01915036 
_atom_sites.fract_transf_matrix[2][1]   -0.01312871 
_atom_sites.fract_transf_matrix[2][2]   -0.01253251 
_atom_sites.fract_transf_matrix[2][3]   0.01541068 
_atom_sites.fract_transf_matrix[3][1]   0.00166240 
_atom_sites.fract_transf_matrix[3][2]   0.02632367 
_atom_sites.fract_transf_matrix[3][3]   0.02282357 
_atom_sites.fract_transf_vector[1]      1.391837 
_atom_sites.fract_transf_vector[2]      0.876784 
_atom_sites.fract_transf_vector[3]      0.148533 
# 
loop_
_atom_type.symbol 
BR 
C  
CO 
H  
MG 
N  
O  
P  
# 
loop_
_atom_site.group_PDB 
_atom_site.id 
_atom_site.type_symbol 
_atom_site.label_atom_id 
_atom_site.label_alt_id 
_atom_site.label_comp_id 
_atom_site.label_asym_id 
_atom_site.label_entity_id 
_atom_site.label_seq_id 
_atom_site.pdbx_PDB_ins_code 
_atom_site.Cartn_x 
_atom_site.Cartn_y 
_atom_site.Cartn_z 
_atom_site.occupancy 
_atom_site.B_iso_or_equiv 
_atom_site.pdbx_formal_charge 
_atom_site.auth_seq_id 
_atom_site.auth_comp_id 
_atom_site.auth_asym_id 
_atom_site.auth_atom_id 
_atom_site.pdbx_PDB_model_num 
HETATM 1   O  O3G  . ZGU A 1 1 ? -9.498  1.898   9.348  1.00   8.68  ? 1    ZGU A O3G  1 
HETATM 2   C  C3G  . ZGU A 1 1 ? -8.769  2.095   8.141  1.00   7.37  ? 1    ZGU A C3G  1 
HETATM 3   C  C2G  . ZGU A 1 1 ? -9.484  3.068   7.215  1.00   6.00  ? 1    ZGU A C2G  1 
HETATM 4   O  O2G  . ZGU A 1 1 ? -10.748 2.523   6.823  1.00   6.98  ? 1    ZGU A O2G  1 
HETATM 5   C  C1G  . ZGU A 1 1 ? -9.774  4.374   7.947  1.00   5.70  ? 1    ZGU A C1G  1 
HETATM 6   N  N9   . ZGU A 1 1 ? -10.373 5.323   7.022  1.00   5.43  ? 1    ZGU A N9   1 
HETATM 7   C  C8   . ZGU A 1 1 ? -11.707 5.502   6.773  1.00   6.06  ? 1    ZGU A C8   1 
HETATM 8   N  N7   . ZGU A 1 1 ? -11.939 6.429   5.884  1.00   6.21  ? 1    ZGU A N7   1 
HETATM 9   C  C4   . ZGU A 1 1 ? -9.713  6.215   6.214  1.00   4.64  ? 1    ZGU A C4   1 
HETATM 10  C  C5   . ZGU A 1 1 ? -10.680 6.897   5.513  1.00   5.02  ? 1    ZGU A C5   1 
HETATM 11  N  N3   . ZGU A 1 1 ? -8.376  6.368   6.134  1.00   4.64  ? 1    ZGU A N3   1 
HETATM 12  C  C2   . ZGU A 1 1 ? -8.008  7.315   5.285  1.00   4.44  ? 1    ZGU A C2   1 
HETATM 13  N  N2   . ZGU A 1 1 ? -6.728  7.620   5.103  1.00   4.94  ? 1    ZGU A N2   1 
HETATM 14  N  N1   . ZGU A 1 1 ? -8.905  8.033   4.542  1.00   4.50  ? 1    ZGU A N1   1 
HETATM 15  C  C6   . ZGU A 1 1 ? -10.285 7.890   4.585  1.00   5.13  ? 1    ZGU A C6   1 
HETATM 16  O  O6   . ZGU A 1 1 ? -10.999 8.579   3.843  1.00   6.03  ? 1    ZGU A O6   1 
HETATM 17  H  H3G1 . ZGU A 1 1 ? -7.776  2.480   8.375  1.00   7.30  ? 1    ZGU A H3G1 1 
HETATM 18  H  H3G2 . ZGU A 1 1 ? -8.644  1.136   7.633  1.00   7.38  ? 1    ZGU A H3G2 1 
HETATM 19  H  H2G  . ZGU A 1 1 ? -8.857  3.269   6.336  1.00   6.32  ? 1    ZGU A H2G  1 
HETATM 20  H  H1G1 . ZGU A 1 1 ? -10.456 4.188   8.780  1.00   5.68  ? 1    ZGU A H1G1 1 
HETATM 21  H  H1G2 . ZGU A 1 1 ? -8.846  4.785   8.351  1.00   5.74  ? 1    ZGU A H1G2 1 
HETATM 22  H  H8   . ZGU A 1 1 ? -12.414 4.981   7.209  1.00   5.21  ? 1    ZGU A H8   1 
HETATM 23  H  H2N1 . ZGU A 1 1 ? -6.034  7.131   5.593  1.00   5.25  ? 1    ZGU A H2N1 1 
HETATM 24  H  H2N2 . ZGU A 1 1 ? -6.474  8.302   4.447  1.00   5.24  ? 1    ZGU A H2N2 1 
HETATM 25  H  H1   . ZGU A 1 1 ? -8.543  8.703   3.926  1.00   5.36  ? 1    ZGU A H1   1 
HETATM 26  P  P    . ZBC A 1 2 ? -10.954 1.766   5.449  1.00   8.20  ? 2    ZBC A P    1 
HETATM 27  BR BR5  . ZBC A 1 2 ? -11.557 8.254   -1.745 0.80   6.93  ? 2    ZBC A BR5  1 
HETATM 28  C  C5   . ZBC A 1 2 ? -10.461 7.434   -0.447 1.00   4.97  ? 2    ZBC A C5   1 
HETATM 29  C  C4   . ZBC A 1 2 ? -9.072  7.720   -0.402 1.00   4.36  ? 2    ZBC A C4   1 
HETATM 30  N  N4   . ZBC A 1 2 ? -8.506  8.553   -1.274 1.00   5.44  ? 2    ZBC A N4   1 
HETATM 31  N  N3   . ZBC A 1 2 ? -8.295  7.161   0.533  1.00   4.53  ? 2    ZBC A N3   1 
HETATM 32  C  C2   . ZBC A 1 2 ? -8.821  6.314   1.448  1.00   4.24  ? 2    ZBC A C2   1 
HETATM 33  O  O2   . ZBC A 1 2 ? -8.122  5.778   2.322  1.00   5.09  ? 2    ZBC A O2   1 
HETATM 34  C  C6   . ZBC A 1 2 ? -10.973 6.596   0.452  1.00   4.86  ? 2    ZBC A C6   1 
HETATM 35  N  N1   . ZBC A 1 2 ? -10.183 6.025   1.401  1.00   4.77  ? 2    ZBC A N1   1 
HETATM 36  C  C1G  . ZBC A 1 2 ? -10.776 5.117   2.395  1.00   5.45  ? 2    ZBC A C1G  1 
HETATM 37  C  C2G  . ZBC A 1 2 ? -10.469 3.652   2.145  1.00   5.34  ? 2    ZBC A C2G  1 
HETATM 38  O  O2G  . ZBC A 1 2 ? -10.899 3.334   0.821  1.00   4.94  ? 2    ZBC A O2G  1 
HETATM 39  C  C3G  . ZBC A 1 2 ? -11.224 2.722   3.091  1.00   6.79  ? 2    ZBC A C3G  1 
HETATM 40  O  O3G  . ZBC A 1 2 ? -10.870 3.009   4.444  1.00   7.36  ? 2    ZBC A O3G  1 
HETATM 41  O  O1P  . ZBC A 1 2 ? -12.355 1.237   5.447  1.00   10.25 ? 2    ZBC A O1P  1 
HETATM 42  O  O2P  . ZBC A 1 2 ? -9.862  0.764   5.185  1.00   10.90 ? 2    ZBC A O2P  1 
HETATM 43  H  H6   . ZBC A 1 2 ? -11.934 6.402   0.442  1.00   4.98  ? 2    ZBC A H6   1 
HETATM 44  H  H41N . ZBC A 1 2 ? -9.051  8.981   -1.967 1.00   4.88  ? 2    ZBC A H41N 1 
HETATM 45  H  H42N . ZBC A 1 2 ? -7.545  8.733   -1.225 1.00   5.07  ? 2    ZBC A H42N 1 
HETATM 46  H  H1G1 . ZBC A 1 2 ? -10.410 5.391   3.387  1.00   5.26  ? 2    ZBC A H1G1 1 
HETATM 47  H  H1G2 . ZBC A 1 2 ? -11.860 5.255   2.399  1.00   5.20  ? 2    ZBC A H1G2 1 
HETATM 48  H  H2G  . ZBC A 1 2 ? -9.388  3.481   2.251  1.00   5.47  ? 2    ZBC A H2G  1 
HETATM 49  H  H3G1 . ZBC A 1 2 ? -10.979 1.683   2.859  1.00   6.82  ? 2    ZBC A H3G1 1 
HETATM 50  H  H3G2 . ZBC A 1 2 ? -12.299 2.855   2.956  1.00   6.68  ? 2    ZBC A H3G2 1 
HETATM 51  P  P    . ZGU A 1 3 ? -10.085 2.268   -0.034 1.00   4.84  ? 3    ZGU A P    1 
HETATM 52  O  O1P  . ZGU A 1 3 ? -10.848 2.100   -1.307 1.00   6.09  ? 3    ZGU A O1P  1 
HETATM 53  O  O2P  . ZGU A 1 3 ? -9.830  1.034   0.774  1.00   6.66  ? 3    ZGU A O2P  1 
HETATM 54  O  O3G  . ZGU A 1 3 ? -8.721  3.066   -0.270 1.00   4.57  ? 3    ZGU A O3G  1 
HETATM 55  C  C3G  . ZGU A 1 3 ? -7.492  2.352   -0.396 1.00   5.49  ? 3    ZGU A C3G  1 
HETATM 56  C  C2G  . ZGU A 1 3 ? -6.573  3.195   -1.273 1.00   5.15  ? 3    ZGU A C2G  1 
HETATM 57  O  O2G  . ZGU A 1 3 ? -7.092  3.243   -2.607 1.00   5.53  ? 3    ZGU A O2G  1 
HETATM 58  C  C1G  . ZGU A 1 3 ? -6.515  4.635   -0.773 1.00   5.42  ? 3    ZGU A C1G  1 
HETATM 59  N  N9   . ZGU A 1 3 ? -5.523  5.421   -1.498 1.00   5.29  ? 3    ZGU A N9   1 
HETATM 60  C  C8   . ZGU A 1 3 ? -5.683  6.160   -2.646 1.00   6.20  ? 3    ZGU A C8   1 
HETATM 61  N  N7   . ZGU A 1 3 ? -4.605  6.768   -3.052 1.00   6.29  ? 3    ZGU A N7   1 
HETATM 62  C  C4   . ZGU A 1 3 ? -4.205  5.583   -1.145 1.00   4.88  ? 3    ZGU A C4   1 
HETATM 63  C  C5   . ZGU A 1 3 ? -3.657  6.408   -2.102 1.00   5.40  ? 3    ZGU A C5   1 
HETATM 64  N  N3   . ZGU A 1 3 ? -3.610  5.023   -0.064 1.00   4.78  ? 3    ZGU A N3   1 
HETATM 65  C  C2   . ZGU A 1 3 ? -2.332  5.361   0.033  1.00   4.59  ? 3    ZGU A C2   1 
HETATM 66  N  N2   . ZGU A 1 3 ? -1.610  4.910   1.062  1.00   4.72  ? 3    ZGU A N2   1 
HETATM 67  N  N1   . ZGU A 1 3 ? -1.689  6.159   -0.875 1.00   4.94  ? 3    ZGU A N1   1 
HETATM 68  C  C6   . ZGU A 1 3 ? -2.279  6.736   -1.993 1.00   5.23  ? 3    ZGU A C6   1 
HETATM 69  O  O6   . ZGU A 1 3 ? -1.606  7.444   -2.756 1.00   6.52  ? 3    ZGU A O6   1 
HETATM 70  H  H3G1 . ZGU A 1 3 ? -7.040  2.197   0.586  1.00   5.15  ? 3    ZGU A H3G1 1 
HETATM 71  H  H3G2 . ZGU A 1 3 ? -7.666  1.378   -0.859 1.00   5.33  ? 3    ZGU A H3G2 1 
HETATM 72  H  H2G  . ZGU A 1 3 ? -5.562  2.766   -1.266 1.00   5.22  ? 3    ZGU A H2G  1 
HETATM 73  H  H1G1 . ZGU A 1 3 ? -7.498  5.097   -0.889 1.00   5.21  ? 3    ZGU A H1G1 1 
HETATM 74  H  H1G2 . ZGU A 1 3 ? -6.270  4.638   0.291  1.00   5.35  ? 3    ZGU A H1G2 1 
HETATM 75  H  H8   . ZGU A 1 3 ? -6.537  6.218   -3.126 1.00   5.29  ? 3    ZGU A H8   1 
HETATM 76  H  H2N1 . ZGU A 1 3 ? -2.020  4.317   1.725  1.00   5.35  ? 3    ZGU A H2N1 1 
HETATM 77  H  H2N2 . ZGU A 1 3 ? -0.658  5.132   1.125  1.00   5.34  ? 3    ZGU A H2N2 1 
HETATM 78  H  H1   . ZGU A 1 3 ? -0.740  6.347   -0.719 1.00   5.35  ? 3    ZGU A H1   1 
HETATM 79  O  O2   . ZCY A 1 4 ? -1.670  3.446   -2.678 1.00   5.52  ? 4    ZCY A O2   1 
HETATM 80  C  C2   . ZCY A 1 4 ? -0.921  4.016   -3.473 1.00   5.21  ? 4    ZCY A C2   1 
HETATM 81  N  N3   . ZCY A 1 4 ? 0.404   4.118   -3.235 1.00   5.26  ? 4    ZCY A N3   1 
HETATM 82  C  C4   . ZCY A 1 4 ? 1.185   4.746   -4.118 1.00   7.08  ? 4    ZCY A C4   1 
HETATM 83  N  N4   . ZCY A 1 4 ? 2.494   4.827   -3.856 1.00   8.48  ? 4    ZCY A N4   1 
HETATM 84  C  C5   . ZCY A 1 4 ? 0.663   5.310   -5.319 1.00   8.49  ? 4    ZCY A C5   1 
HETATM 85  C  C6   . ZCY A 1 4 ? -0.650  5.202   -5.537 1.00   7.42  ? 4    ZCY A C6   1 
HETATM 86  N  N1   . ZCY A 1 4 ? -1.448  4.563   -4.635 1.00   5.55  ? 4    ZCY A N1   1 
HETATM 87  C  C1G  . ZCY A 1 4 ? -2.907  4.459   -4.864 1.00   6.16  ? 4    ZCY A C1G  1 
HETATM 88  C  C2G  . ZCY A 1 4 ? -3.332  3.118   -5.435 1.00   4.81  ? 4    ZCY A C2G  1 
HETATM 89  O  O2G  . ZCY A 1 4 ? -2.681  2.986   -6.700 1.00   5.08  ? 4    ZCY A O2G  1 
HETATM 90  C  C3G  . ZCY A 1 4 ? -4.833  3.138   -5.660 1.00   5.76  ? 4    ZCY A C3G  1 
HETATM 91  O  O3G  . ZCY A 1 4 ? -5.466  3.442   -4.413 1.00   6.39  ? 4    ZCY A O3G  1 
HETATM 92  P  P    . ZCY A 1 4 ? -6.466  2.372   -3.777 1.00   6.41  ? 4    ZCY A P    1 
HETATM 93  O  O2P  . ZCY A 1 4 ? -7.566  2.063   -4.747 1.00   8.29  ? 4    ZCY A O2P  1 
HETATM 94  O  O1P  . ZCY A 1 4 ? -5.695  1.202   -3.237 1.00   7.72  ? 4    ZCY A O1P  1 
HETATM 95  H  H4N1 . ZCY A 1 4 ? 2.856   4.431   -3.035 1.00   6.42  ? 4    ZCY A H4N1 1 
HETATM 96  H  H4N2 . ZCY A 1 4 ? 3.093   5.275   -4.488 1.00   6.46  ? 4    ZCY A H4N2 1 
HETATM 97  H  H5   . ZCY A 1 4 ? 1.247   5.769   -5.958 1.00   6.77  ? 4    ZCY A H5   1 
HETATM 98  H  H6   . ZCY A 1 4 ? -1.042  5.588   -6.348 1.00   6.83  ? 4    ZCY A H6   1 
HETATM 99  H  H1G1 . ZCY A 1 4 ? -3.427  4.623   -3.919 1.00   5.78  ? 4    ZCY A H1G1 1 
HETATM 100 H  H1G2 . ZCY A 1 4 ? -3.216  5.249   -5.550 1.00   5.66  ? 4    ZCY A H1G2 1 
HETATM 101 H  H3G1 . ZCY A 1 4 ? -5.171  2.165   -6.023 1.00   5.94  ? 4    ZCY A H3G1 1 
HETATM 102 H  H3G2 . ZCY A 1 4 ? -5.090  3.895   -6.404 1.00   5.73  ? 4    ZCY A H3G2 1 
HETATM 103 H  H2   . ZCY A 1 4 ? -3.057  2.304   -4.750 1.00   5.25  ? 4    ZCY A H2   1 
HETATM 104 P  P    . ZGU A 1 5 ? -1.952  1.639   -7.097 1.00   6.43  ? 5    ZGU A P    1 
HETATM 105 O  O1P  . ZGU A 1 5 ? -0.942  2.158   -8.092 1.00   10.57 ? 5    ZGU A O1P  1 
HETATM 106 O  O2P  . ZGU A 1 5 ? -3.013  0.594   -7.365 1.00   9.80  ? 5    ZGU A O2P  1 
HETATM 107 O  O3G  . ZGU A 1 5 ? -1.147  1.248   -5.783 1.00   5.52  ? 5    ZGU A O3G  1 
HETATM 108 C  C3G  . ZGU A 1 5 ? -1.287  -0.039  -5.187 1.00   5.58  ? 5    ZGU A C3G  1 
HETATM 109 C  C2G  . ZGU A 1 5 ? 0.038   -0.452  -4.583 1.00   4.91  ? 5    ZGU A C2G  1 
HETATM 110 O  O2G  . ZGU A 1 5 ? 1.008   -0.692  -5.600 1.00   6.01  ? 5    ZGU A O2G  1 
HETATM 111 C  C1G  . ZGU A 1 5 ? 0.586   0.683   -3.750 1.00   5.13  ? 5    ZGU A C1G  1 
HETATM 112 N  N9   . ZGU A 1 5 ? 1.838   0.418   -3.054 1.00   5.17  ? 5    ZGU A N9   1 
HETATM 113 C  C8   . ZGU A 1 5 ? 3.110   0.730   -3.487 1.00   6.35  ? 5    ZGU A C8   1 
HETATM 114 N  N7   . ZGU A 1 5 ? 4.044   0.401   -2.641 1.00   5.97  ? 5    ZGU A N7   1 
HETATM 115 C  C4   . ZGU A 1 5 ? 1.984   -0.154  -1.810 1.00   4.69  ? 5    ZGU A C4   1 
HETATM 116 C  C5   . ZGU A 1 5 ? 3.341   -0.153  -1.577 1.00   4.89  ? 5    ZGU A C5   1 
HETATM 117 N  N3   . ZGU A 1 5 ? 0.987   -0.609  -1.017 1.00   4.34  ? 5    ZGU A N3   1 
HETATM 118 C  C2   . ZGU A 1 5 ? 1.451   -1.099  0.128  1.00   4.06  ? 5    ZGU A C2   1 
HETATM 119 N  N2   . ZGU A 1 5 ? 0.624   -1.587  1.056  1.00   4.35  ? 5    ZGU A N2   1 
HETATM 120 N  N1   . ZGU A 1 5 ? 2.789   -1.146  0.456  1.00   4.49  ? 5    ZGU A N1   1 
HETATM 121 C  C6   . ZGU A 1 5 ? 3.821   -0.686  -0.357 1.00   4.89  ? 5    ZGU A C6   1 
HETATM 122 O  O6   . ZGU A 1 5 ? 4.999   -0.769  0.019  1.00   5.98  ? 5    ZGU A O6   1 
HETATM 123 H  H3G1 . ZGU A 1 5 ? -2.054  -0.005  -4.410 1.00   5.47  ? 5    ZGU A H3G1 1 
HETATM 124 H  H3G2 . ZGU A 1 5 ? -1.595  -0.766  -5.940 1.00   5.60  ? 5    ZGU A H3G2 1 
HETATM 125 H  H2G  . ZGU A 1 5 ? -0.100  -1.343  -3.954 1.00   5.20  ? 5    ZGU A H2G  1 
HETATM 126 H  H1G1 . ZGU A 1 5 ? 0.729   1.549   -4.400 1.00   5.06  ? 5    ZGU A H1G1 1 
HETATM 127 H  H1G2 . ZGU A 1 5 ? -0.167  0.963   -3.011 1.00   5.09  ? 5    ZGU A H1G2 1 
HETATM 128 H  H8   . ZGU A 1 5 ? 3.293   1.150   -4.353 1.00   4.98  ? 5    ZGU A H8   1 
HETATM 129 H  H2N1 . ZGU A 1 5 ? -0.344  -1.593  0.896  1.00   5.12  ? 5    ZGU A H2N1 1 
HETATM 130 H  H2N2 . ZGU A 1 5 ? 0.984   -1.959  1.887  1.00   5.13  ? 5    ZGU A H2N2 1 
HETATM 131 H  H1   . ZGU A 1 5 ? 3.032   -1.537  1.320  1.00   5.15  ? 5    ZGU A H1   1 
HETATM 132 O  O2   . ZCY A 1 6 ? 1.991   -4.057  -1.078 1.00   4.73  ? 6    ZCY A O2   1 
HETATM 133 C  C2   . ZCY A 1 6 ? 3.176   -4.154  -0.741 1.00   4.66  ? 6    ZCY A C2   1 
HETATM 134 N  N3   . ZCY A 1 6 ? 3.550   -4.694  0.443  1.00   4.77  ? 6    ZCY A N3   1 
HETATM 135 C  C4   . ZCY A 1 6 ? 4.845   -4.766  0.770  1.00   5.60  ? 6    ZCY A C4   1 
HETATM 136 N  N4   . ZCY A 1 6 ? 5.147   -5.310  1.954  1.00   7.01  ? 6    ZCY A N4   1 
HETATM 137 C  C5   . ZCY A 1 6 ? 5.865   -4.295  -0.102 1.00   6.79  ? 6    ZCY A C5   1 
HETATM 138 C  C6   . ZCY A 1 6 ? 5.482   -3.762  -1.268 1.00   6.28  ? 6    ZCY A C6   1 
HETATM 139 N  N1   . ZCY A 1 6 ? 4.164   -3.686  -1.608 1.00   4.98  ? 6    ZCY A N1   1 
HETATM 140 C  C1G  . ZCY A 1 6 ? 3.759   -3.095  -2.901 1.00   5.27  ? 6    ZCY A C1G  1 
HETATM 141 C  C2G  . ZCY A 1 6 ? 3.588   -4.162  -3.969 1.00   5.51  ? 6    ZCY A C2G  1 
HETATM 142 O  O2G  . ZCY A 1 6 ? 4.808   -4.878  -4.146 1.00   8.17  ? 6    ZCY A O2G  1 
HETATM 143 C  C3G  . ZCY A 1 6 ? 3.211   -3.485  -5.281 1.00   5.61  ? 6    ZCY A C3G  1 
HETATM 144 O  O3G  . ZCY A 1 6 ? 1.892   -2.986  -5.093 1.00   8.25  ? 6    ZCY A O3G  1 
HETATM 145 P  P    . ZCY A 1 6 ? 1.122   -2.161  -6.213 1.00   8.26  ? 6    ZCY A P    1 
HETATM 146 O  O2P  . ZCY A 1 6 ? 1.932   -2.068  -7.470 1.00   10.78 ? 6    ZCY A O2P  1 
HETATM 147 O  O1P  . ZCY A 1 6 ? -0.259  -2.748  -6.411 1.00   10.14 ? 6    ZCY A O1P  1 
HETATM 148 H  H4N1 . ZCY A 1 6 ? 4.432   -5.631  2.543  1.00   5.51  ? 6    ZCY A H4N1 1 
HETATM 149 H  H4N2 . ZCY A 1 6 ? 6.083   -5.387  2.233  1.00   5.48  ? 6    ZCY A H4N2 1 
HETATM 150 H  H5   . ZCY A 1 6 ? 6.812   -4.355  0.143  1.00   5.55  ? 6    ZCY A H5   1 
HETATM 151 H  H6   . ZCY A 1 6 ? 6.161   -3.430  -1.891 1.00   5.76  ? 6    ZCY A H6   1 
HETATM 152 H  H1G1 . ZCY A 1 6 ? 2.817   -2.557  -2.774 1.00   5.25  ? 6    ZCY A H1G1 1 
HETATM 153 H  H1G2 . ZCY A 1 6 ? 4.515   -2.377  -3.224 1.00   5.13  ? 6    ZCY A H1G2 1 
HETATM 154 H  H3G1 . ZCY A 1 6 ? 3.235   -4.203  -6.103 1.00   6.23  ? 6    ZCY A H3G1 1 
HETATM 155 H  H3G2 . ZCY A 1 6 ? 3.901   -2.668  -5.501 1.00   6.15  ? 6    ZCY A H3G2 1 
HETATM 156 H  H2   . ZCY A 1 6 ? 2.782   -4.848  -3.671 1.00   5.94  ? 6    ZCY A H2   1 
HETATM 157 CO CO   A NCO B 2 . ? 5.808   -10.148 2.971  0.40   6.02  ? 1001 NCO A CO   1 
HETATM 158 CO CO   B NCO B 2 . ? 6.073   -10.316 2.097  0.20   8.89  ? 1001 NCO A CO   1 
HETATM 159 N  N1   A NCO B 2 . ? 7.260   -10.098 1.619  0.40   7.57  ? 1001 NCO A N1   1 
HETATM 160 N  N1   B NCO B 2 . ? 7.790   -9.344  2.245  0.20   9.16  ? 1001 NCO A N1   1 
HETATM 161 N  N2   A NCO B 2 . ? 4.348   -10.139 4.308  0.40   6.13  ? 1001 NCO A N2   1 
HETATM 162 N  N2   B NCO B 2 . ? 4.314   -11.229 2.080  0.20   5.19  ? 1001 NCO A N2   1 
HETATM 163 N  N3   A NCO B 2 . ? 5.153   -8.388  2.347  0.40   7.15  ? 1001 NCO A N3   1 
HETATM 164 N  N3   B NCO B 2 . ? 5.280   -9.272  0.615  0.20   6.68  ? 1001 NCO A N3   1 
HETATM 165 N  N4   A NCO B 2 . ? 7.021   -9.255  4.252  0.40   7.68  ? 1001 NCO A N4   1 
HETATM 166 N  N4   B NCO B 2 . ? 5.244   -9.063  3.388  0.20   8.33  ? 1001 NCO A N4   1 
HETATM 167 N  N5   A NCO B 2 . ? 6.450   -11.900 3.633  0.40   6.78  ? 1001 NCO A N5   1 
HETATM 168 N  N5   B NCO B 2 . ? 6.603   -11.480 3.608  0.20   7.74  ? 1001 NCO A N5   1 
HETATM 169 N  N6   A NCO B 2 . ? 4.517   -11.061 1.777  0.40   5.87  ? 1001 NCO A N6   1 
HETATM 170 N  N6   B NCO B 2 . ? 6.940   -11.589 0.851  0.20   8.42  ? 1001 NCO A N6   1 
HETATM 171 H  HN11 A NCO B 2 . ? 7.518   -9.114  1.417  0.0000 7.75  ? 1001 NCO A HN11 1 
HETATM 172 H  HN11 B NCO B 2 . ? 7.658   -8.368  1.764  0.0000 9.96  ? 1001 NCO A HN11 1 
HETATM 173 H  HN12 A NCO B 2 . ? 8.083   -10.616 1.967  0.0000 7.75  ? 1001 NCO A HN12 1 
HETATM 174 H  HN12 B NCO B 2 . ? 8.178   -9.316  3.072  0.0000 9.96  ? 1001 NCO A HN12 1 
HETATM 175 H  HN13 A NCO B 2 . ? 6.920   -10.548 0.731  0.0000 7.75  ? 1001 NCO A HN13 1 
HETATM 176 H  HN13 B NCO B 2 . ? 8.487   -9.823  1.482  0.0000 9.96  ? 1001 NCO A HN13 1 
HETATM 177 H  HN21 A NCO B 2 . ? 3.549   -10.685 3.959  0.0000 6.16  ? 1001 NCO A HN21 1 
HETATM 178 H  HN21 B NCO B 2 . ? 4.007   -11.371 1.099  0.0000 6.51  ? 1001 NCO A HN21 1 
HETATM 179 H  HN22 A NCO B 2 . ? 4.040   -9.139  4.462  0.0000 6.16  ? 1001 NCO A HN22 1 
HETATM 180 H  HN22 B NCO B 2 . ? 3.635   -10.664 2.597  0.0000 6.51  ? 1001 NCO A HN22 1 
HETATM 181 H  HN23 A NCO B 2 . ? 4.694   -10.521 5.203  0.0000 6.16  ? 1001 NCO A HN23 1 
HETATM 182 H  HN23 B NCO B 2 . ? 4.426   -12.166 2.539  0.0000 6.51  ? 1001 NCO A HN23 1 
HETATM 183 H  HN31 A NCO B 2 . ? 5.195   -7.703  3.105  0.0000 7.10  ? 1001 NCO A HN31 1 
HETATM 184 H  HN31 B NCO B 2 . ? 4.437   -8.767  0.950  0.0000 7.31  ? 1001 NCO A HN31 1 
HETATM 185 H  HN32 A NCO B 2 . ? 4.177   -8.486  1.994  0.0000 7.10  ? 1001 NCO A HN32 1 
HETATM 186 H  HN32 B NCO B 2 . ? 5.070   -9.856  -0.189 0.0000 7.31  ? 1001 NCO A HN32 1 
HETATM 187 H  HN33 A NCO B 2 . ? 5.760   -8.063  1.544  0.0000 7.10  ? 1001 NCO A HN33 1 
HETATM 188 H  HN33 B NCO B 2 . ? 5.990   -8.518  0.308  0.0000 7.31  ? 1001 NCO A HN33 1 
HETATM 189 H  HN41 A NCO B 2 . ? 7.167   -9.867  5.074  0.0000 7.70  ? 1001 NCO A HN41 1 
HETATM 190 H  HN41 B NCO B 2 . ? 5.017   -9.587  4.249  0.0000 9.09  ? 1001 NCO A HN41 1 
HETATM 191 H  HN42 A NCO B 2 . ? 6.618   -8.351  4.543  0.0000 7.70  ? 1001 NCO A HN42 1 
HETATM 192 H  HN42 B NCO B 2 . ? 4.472   -8.594  2.985  0.0000 9.09  ? 1001 NCO A HN42 1 
HETATM 193 H  HN43 A NCO B 2 . ? 7.947   -9.086  3.784  0.0000 7.70  ? 1001 NCO A HN43 1 
HETATM 194 H  HN43 B NCO B 2 . ? 6.013   -8.346  3.656  0.0000 9.09  ? 1001 NCO A HN43 1 
HETATM 195 H  HN51 A NCO B 2 . ? 5.685   -12.600 3.546  0.0000 6.54  ? 1001 NCO A HN51 1 
HETATM 196 H  HN51 B NCO B 2 . ? 6.637   -12.470 3.271  0.0000 8.29  ? 1001 NCO A HN51 1 
HETATM 197 H  HN52 A NCO B 2 . ? 6.696   -11.804 4.651  0.0000 6.54  ? 1001 NCO A HN52 1 
HETATM 198 H  HN52 B NCO B 2 . ? 5.991   -11.356 4.376  0.0000 8.29  ? 1001 NCO A HN52 1 
HETATM 199 H  HN53 A NCO B 2 . ? 7.274   -12.198 3.102  0.0000 6.54  ? 1001 NCO A HN53 1 
HETATM 200 H  HN53 B NCO B 2 . ? 7.608   -11.216 3.877  0.0000 8.29  ? 1001 NCO A HN53 1 
HETATM 201 H  HN61 A NCO B 2 . ? 3.640   -10.466 1.710  0.0000 5.82  ? 1001 NCO A HN61 1 
HETATM 202 H  HN61 B NCO B 2 . ? 6.377   -11.605 -0.075 0.0000 9.19  ? 1001 NCO A HN61 1 
HETATM 203 H  HN62 A NCO B 2 . ? 4.205   -11.969 2.260  0.0000 5.82  ? 1001 NCO A HN62 1 
HETATM 204 H  HN62 B NCO B 2 . ? 6.895   -12.554 1.233  0.0000 9.19  ? 1001 NCO A HN62 1 
HETATM 205 H  HN63 A NCO B 2 . ? 4.898   -11.253 0.885  0.0000 5.82  ? 1001 NCO A HN63 1 
HETATM 206 H  HN63 B NCO B 2 . ? 7.894   -11.319 0.631  0.0000 9.19  ? 1001 NCO A HN63 1 
HETATM 207 CO CO   A NCO C 2 . ? 8.183   1.070   -1.736 0.55   9.13  ? 1002 NCO A CO   1 
HETATM 208 CO CO   B NCO C 2 . ? 7.372   3.508   -1.703 0.35   7.90  ? 1002 NCO A CO   1 
HETATM 209 N  N1   A NCO C 2 . ? 9.100   0.845   -3.473 0.55   9.58  ? 1002 NCO A N1   1 
HETATM 210 N  N1   B NCO C 2 . ? 7.855   1.716   -2.421 0.35   2.78  ? 1002 NCO A N1   1 
HETATM 211 N  N2   A NCO C 2 . ? 7.238   1.266   -0.007 0.55   10.54 ? 1002 NCO A N2   1 
HETATM 212 N  N2   B NCO C 2 . ? 6.205   4.755   -0.704 0.35   4.87  ? 1002 NCO A N2   1 
HETATM 213 N  N3   A NCO C 2 . ? 6.528   1.732   -2.607 0.55   11.22 ? 1002 NCO A N3   1 
HETATM 214 N  N3   B NCO C 2 . ? 5.871   3.155   -2.945 0.35   8.86  ? 1002 NCO A N3   1 
HETATM 215 N  N4   A NCO C 2 . ? 8.818   2.947   -1.648 0.55   10.29 ? 1002 NCO A N4   1 
HETATM 216 N  N4   B NCO C 2 . ? 7.966   4.854   -3.028 0.35   8.99  ? 1002 NCO A N4   1 
HETATM 217 N  N5   A NCO C 2 . ? 9.831   0.443   -0.845 0.55   10.81 ? 1002 NCO A N5   1 
HETATM 218 N  N5   B NCO C 2 . ? 8.831   4.010   -0.465 0.35   8.24  ? 1002 NCO A N5   1 
HETATM 219 N  N6   A NCO C 2 . ? 7.398   -0.749  -1.815 0.55   9.84  ? 1002 NCO A N6   1 
HETATM 220 N  N6   B NCO C 2 . ? 6.762   2.061   -0.498 0.35   8.25  ? 1002 NCO A N6   1 
HETATM 221 H  HN11 A NCO C 2 . ? 8.840   1.645   -4.111 0.0000 9.81  ? 1002 NCO A HN11 1 
HETATM 222 H  HN11 B NCO C 2 . ? 7.406   1.594   -3.357 0.0000 2.83  ? 1002 NCO A HN11 1 
HETATM 223 H  HN12 A NCO C 2 . ? 10.124  0.850   -3.335 0.0000 9.81  ? 1002 NCO A HN12 1 
HETATM 224 H  HN12 B NCO C 2 . ? 8.886   1.655   -2.529 0.0000 2.83  ? 1002 NCO A HN12 1 
HETATM 225 H  HN13 A NCO C 2 . ? 8.802   -0.042  -3.920 0.0000 9.81  ? 1002 NCO A HN13 1 
HETATM 226 H  HN13 B NCO C 2 . ? 7.521   0.981   -1.778 0.0000 2.83  ? 1002 NCO A HN13 1 
HETATM 227 H  HN21 A NCO C 2 . ? 6.346   0.699   -0.047 0.0000 10.71 ? 1002 NCO A HN21 1 
HETATM 228 H  HN21 B NCO C 2 . ? 5.215   4.332   -0.693 0.0000 4.87  ? 1002 NCO A HN21 1 
HETATM 229 H  HN22 A NCO C 2 . ? 6.989   2.257   0.143  0.0000 10.71 ? 1002 NCO A HN22 1 
HETATM 230 H  HN22 B NCO C 2 . ? 6.111   5.648   -1.284 0.0000 4.87  ? 1002 NCO A HN22 1 
HETATM 231 H  HN23 A NCO C 2 . ? 7.829   0.913   0.753  0.0000 10.71 ? 1002 NCO A HN23 1 
HETATM 232 H  HN23 B NCO C 2 . ? 6.528   4.934   0.200  0.0000 4.87  ? 1002 NCO A HN23 1 
HETATM 233 H  HN31 A NCO C 2 . ? 6.319   2.702   -2.269 0.0000 11.37 ? 1002 NCO A HN31 1 
HETATM 234 H  HN31 B NCO C 2 . ? 5.827   3.902   -3.654 0.0000 8.72  ? 1002 NCO A HN31 1 
HETATM 235 H  HN32 A NCO C 2 . ? 5.732   1.112   -2.379 0.0000 11.37 ? 1002 NCO A HN32 1 
HETATM 236 H  HN32 B NCO C 2 . ? 4.972   3.156   -2.392 0.0000 8.72  ? 1002 NCO A HN32 1 
HETATM 237 H  HN33 A NCO C 2 . ? 6.661   1.764   -3.643 0.0000 11.37 ? 1002 NCO A HN33 1 
HETATM 238 H  HN33 B NCO C 2 . ? 5.994   2.233   -3.386 0.0000 8.72  ? 1002 NCO A HN33 1 
HETATM 239 H  HN41 A NCO C 2 . ? 9.415   3.046   -0.760 0.0000 10.33 ? 1002 NCO A HN41 1 
HETATM 240 H  HN41 B NCO C 2 . ? 8.680   5.472   -2.593 0.0000 9.12  ? 1002 NCO A HN41 1 
HETATM 241 H  HN42 A NCO C 2 . ? 8.021   3.589   -1.562 0.0000 10.33 ? 1002 NCO A HN42 1 
HETATM 242 H  HN42 B NCO C 2 . ? 7.174   5.386   -3.372 0.0000 9.12  ? 1002 NCO A HN42 1 
HETATM 243 H  HN43 A NCO C 2 . ? 9.403   3.167   -2.454 0.0000 10.33 ? 1002 NCO A HN43 1 
HETATM 244 H  HN43 B NCO C 2 . ? 8.430   4.339   -3.834 0.0000 9.12  ? 1002 NCO A HN43 1 
HETATM 245 H  HN51 A NCO C 2 . ? 9.590   -0.442  -0.303 0.0000 10.94 ? 1002 NCO A HN51 1 
HETATM 246 H  HN51 B NCO C 2 . ? 8.450   4.134   0.498  0.0000 8.18  ? 1002 NCO A HN51 1 
HETATM 247 H  HN52 A NCO C 2 . ? 10.169  1.151   -0.197 0.0000 10.94 ? 1002 NCO A HN52 1 
HETATM 248 H  HN52 B NCO C 2 . ? 9.282   4.880   -0.779 0.0000 8.18  ? 1002 NCO A HN52 1 
HETATM 249 H  HN53 A NCO C 2 . ? 10.539  0.202   -1.556 0.0000 10.94 ? 1002 NCO A HN53 1 
HETATM 250 H  HN53 B NCO C 2 . ? 9.545   3.237   -0.439 0.0000 8.18  ? 1002 NCO A HN53 1 
HETATM 251 H  HN61 A NCO C 2 . ? 7.516   -1.312  -1.231 0.0000 10.49 ? 1002 NCO A HN61 1 
HETATM 252 H  HN61 B NCO C 2 . ? 5.715   2.141   -0.371 0.0000 8.61  ? 1002 NCO A HN61 1 
HETATM 253 H  HN62 A NCO C 2 . ? 7.553   -1.078  -2.914 0.0000 10.49 ? 1002 NCO A HN62 1 
HETATM 254 H  HN62 B NCO C 2 . ? 7.196   2.201   0.456  0.0000 8.61  ? 1002 NCO A HN62 1 
HETATM 255 H  HN63 A NCO C 2 . ? 6.232   -0.517  -2.007 0.0000 10.49 ? 1002 NCO A HN63 1 
HETATM 256 H  HN63 B NCO C 2 . ? 7.004   1.152   -0.865 0.0000 8.61  ? 1002 NCO A HN63 1 
HETATM 257 MG MG   . MG  D 3 . ? -2.557  7.628   6.277  0.45   11.72 ? 1003 MG  A MG   1 
HETATM 258 O  O    . HOH E 4 . ? 10.785  -12.645 2.016  1.00   20.67 ? 2001 HOH A O    1 
HETATM 259 O  O    . HOH E 4 . ? -11.072 -0.258  9.103  1.00   17.32 ? 2002 HOH A O    1 
HETATM 260 O  O    . HOH E 4 . ? -6.407  4.346   6.208  0.50   14.65 ? 2003 HOH A O    1 
HETATM 261 O  O    . HOH E 4 . ? -6.352  4.995   7.500  0.50   9.58  ? 2004 HOH A O    1 
HETATM 262 O  O    . HOH E 4 . ? -4.255  6.942   6.516  1.00   21.02 ? 2005 HOH A O    1 
HETATM 263 O  O    . HOH E 4 . ? -8.886  3.902   11.221 1.00   7.14  ? 2006 HOH A O    1 
HETATM 264 O  O    . HOH E 4 . ? -5.848  2.926   12.308 0.50   12.42 ? 2007 HOH A O    1 
HETATM 265 O  O    . HOH E 4 . ? -5.213  2.565   7.349  1.00   33.33 ? 2008 HOH A O    1 
HETATM 266 O  O    . HOH E 4 . ? -1.310  6.054   6.996  0.45   15.08 ? 2009 HOH A O    1 
HETATM 267 O  O    . HOH E 4 . ? -3.207  8.216   8.173  0.45   16.38 ? 2010 HOH A O    1 
HETATM 268 O  O    . HOH E 4 . ? -3.439  0.780   5.808  0.50   19.60 ? 2011 HOH A O    1 
HETATM 269 O  O    . HOH E 4 . ? -2.525  2.646   6.851  1.00   26.38 ? 2012 HOH A O    1 
HETATM 270 O  O    . HOH E 4 . ? 3.501   3.869   -7.965 0.50   10.68 ? 2013 HOH A O    1 
HETATM 271 O  O    . HOH E 4 . ? -5.875  0.216   5.986  0.50   23.87 ? 2014 HOH A O    1 
HETATM 272 O  O    . HOH E 4 . ? -3.938  -5.452  -5.133 1.00   28.74 ? 2015 HOH A O    1 
HETATM 273 O  O    . HOH E 4 . ? -6.848  3.542   3.370  1.00   12.01 ? 2016 HOH A O    1 
HETATM 274 O  O    . HOH E 4 . ? -13.648 2.885   0.829  0.30   8.88  ? 2017 HOH A O    1 
HETATM 275 O  O    . HOH E 4 . ? -9.187  10.490  -3.837 1.00   10.87 ? 2018 HOH A O    1 
HETATM 276 O  O    . HOH E 4 . ? -9.819  10.970  -2.533 0.30   7.78  ? 2019 HOH A O    1 
HETATM 277 O  O    . HOH E 4 . ? -9.350  -1.328  6.922  1.00   18.21 ? 2020 HOH A O    1 
HETATM 278 O  O    . HOH E 4 . ? -13.270 0.482   8.083  1.00   17.01 ? 2021 HOH A O    1 
HETATM 279 O  O    . HOH E 4 . ? -14.594 2.837   5.604  1.00   15.44 ? 2022 HOH A O    1 
HETATM 280 O  O    . HOH E 4 . ? -13.216 -0.435  3.468  1.00   21.18 ? 2023 HOH A O    1 
HETATM 281 O  O    . HOH E 4 . ? -7.668  1.180   4.241  0.30   9.47  ? 2024 HOH A O    1 
HETATM 282 O  O    . HOH E 4 . ? -8.129  1.129   3.068  0.70   9.98  ? 2025 HOH A O    1 
HETATM 283 O  O    . HOH E 4 . ? -8.169  -0.221  2.251  1.00   22.64 ? 2026 HOH A O    1 
HETATM 284 O  O    . HOH E 4 . ? -4.619  3.028   1.722  1.00   10.58 ? 2027 HOH A O    1 
HETATM 285 O  O    . HOH E 4 . ? -1.957  3.234   3.900  1.00   15.89 ? 2028 HOH A O    1 
HETATM 286 O  O    . HOH E 4 . ? -3.279  1.303   -2.111 1.00   7.67  ? 2029 HOH A O    1 
HETATM 287 O  O    . HOH E 4 . ? -6.963  -1.074  -2.445 1.00   25.22 ? 2030 HOH A O    1 
HETATM 288 O  O    . HOH E 4 . ? 3.998   6.436   -5.821 0.50   14.60 ? 2031 HOH A O    1 
HETATM 289 O  O    . HOH E 4 . ? -8.298  3.553   -6.654 0.70   12.67 ? 2032 HOH A O    1 
HETATM 290 O  O    . HOH E 4 . ? 4.695   5.034   -5.966 0.50   13.54 ? 2033 HOH A O    1 
HETATM 291 O  O    . HOH E 4 . ? -8.280  1.047   -7.189 1.00   25.10 ? 2034 HOH A O    1 
HETATM 292 O  O    . HOH E 4 . ? -10.099 1.476   -3.910 1.00   6.95  ? 2035 HOH A O    1 
HETATM 293 O  O    . HOH E 4 . ? 1.817   2.195   -6.933 1.00   10.73 ? 2036 HOH A O    1 
HETATM 294 O  O    . HOH E 4 . ? -5.205  0.885   -8.886 1.00   16.55 ? 2037 HOH A O    1 
HETATM 295 O  O    . HOH E 4 . ? -2.330  -1.624  1.200  1.00   14.44 ? 2038 HOH A O    1 
HETATM 296 O  O    . HOH E 4 . ? -1.795  -1.016  -1.712 1.00   8.45  ? 2039 HOH A O    1 
HETATM 297 O  O    . HOH E 4 . ? -4.676  -0.804  -5.391 1.00   17.76 ? 2040 HOH A O    1 
HETATM 298 O  O    . HOH E 4 . ? 3.488   0.094   -7.549 1.00   14.58 ? 2041 HOH A O    1 
HETATM 299 O  O    . HOH E 4 . ? 3.259   -4.058  -8.916 1.00   14.17 ? 2042 HOH A O    1 
HETATM 300 O  O    . HOH E 4 . ? -2.638  -3.246  -4.867 0.50   13.79 ? 2043 HOH A O    1 
HETATM 301 O  O    . HOH E 4 . ? -0.915  -5.561  -7.617 1.00   26.48 ? 2044 HOH A O    1 
HETATM 302 O  O    . HOH E 4 . ? 4.955   -7.120  -2.614 1.00   12.42 ? 2045 HOH A O    1 
HETATM 303 O  O    . HOH E 4 . ? 6.917   -7.541  -0.172 0.50   15.40 ? 2046 HOH A O    1 
HETATM 304 O  O    . HOH E 4 . ? 7.975   -12.265 0.588  1.00   26.08 ? 2047 HOH A O    1 
HETATM 305 O  O    . HOH E 4 . ? 4.864   -11.835 -1.444 0.70   15.93 ? 2048 HOH A O    1 
HETATM 306 O  O    . HOH E 4 . ? 9.495   -11.299 4.215  0.50   13.51 ? 2049 HOH A O    1 
HETATM 307 O  O    . HOH E 4 . ? 8.087   -10.407 3.899  0.50   14.38 ? 2050 HOH A O    1 
HETATM 308 O  O    . HOH E 4 . ? 8.196   -13.403 4.128  1.00   25.45 ? 2051 HOH A O    1 
HETATM 309 O  O    . HOH E 4 . ? 9.647   -8.641  2.215  1.00   20.07 ? 2052 HOH A O    1 
HETATM 310 O  O    . HOH E 4 . ? 6.058   4.582   -1.293 0.50   15.04 ? 2053 HOH A O    1 
HETATM 311 O  O    . HOH E 4 . ? 6.895   -0.285  -2.652 0.50   10.83 ? 2054 HOH A O    1 
HETATM 312 O  O    . HOH E 4 . ? 9.870   1.647   1.331  0.50   22.69 ? 2055 HOH A O    1 
HETATM 313 O  O    . HOH E 4 . ? 5.317   6.024   -3.452 1.00   29.05 ? 2056 HOH A O    1 
HETATM 314 O  O    . HOH E 4 . ? 8.589   -2.476  -0.645 0.60   15.87 ? 2057 HOH A O    1 
HETATM 315 O  O    . HOH E 4 . ? 8.275   4.042   -5.443 1.00   46.27 ? 2058 HOH A O    1 
# 
loop_
_atom_site_anisotrop.id 
_atom_site_anisotrop.type_symbol 
_atom_site_anisotrop.pdbx_label_atom_id 
_atom_site_anisotrop.pdbx_label_alt_id 
_atom_site_anisotrop.pdbx_label_comp_id 
_atom_site_anisotrop.pdbx_label_asym_id 
_atom_site_anisotrop.pdbx_label_seq_id 
_atom_site_anisotrop.pdbx_PDB_ins_code 
_atom_site_anisotrop.U[1][1] 
_atom_site_anisotrop.U[2][2] 
_atom_site_anisotrop.U[3][3] 
_atom_site_anisotrop.U[1][2] 
_atom_site_anisotrop.U[1][3] 
_atom_site_anisotrop.U[2][3] 
_atom_site_anisotrop.pdbx_auth_seq_id 
_atom_site_anisotrop.pdbx_auth_comp_id 
_atom_site_anisotrop.pdbx_auth_asym_id 
_atom_site_anisotrop.pdbx_auth_atom_id 
1   O  O3G  . ZGU A 1 ? 0.1165 0.1236 0.0897 0.0035  -0.0233 0.0356  1    ZGU A O3G  
2   C  C3G  . ZGU A 1 ? 0.0892 0.1021 0.0884 -0.0169 0.0022  0.0176  1    ZGU A C3G  
3   C  C2G  . ZGU A 1 ? 0.0658 0.0919 0.0700 -0.0203 -0.0020 0.0192  1    ZGU A C2G  
4   O  O2G  . ZGU A 1 ? 0.0809 0.1099 0.0744 -0.0420 0.0001  0.0283  1    ZGU A O2G  
5   C  C1G  . ZGU A 1 ? 0.0642 0.0842 0.0680 -0.0013 0.0010  0.0230  1    ZGU A C1G  
6   N  N9   . ZGU A 1 ? 0.0461 0.0898 0.0701 -0.0076 0.0066  0.0165  1    ZGU A N9   
7   C  C8   . ZGU A 1 ? 0.0571 0.1029 0.0700 -0.0108 -0.0122 0.0160  1    ZGU A C8   
8   N  N7   . ZGU A 1 ? 0.0396 0.1125 0.0836 -0.0028 -0.0030 0.0025  1    ZGU A N7   
9   C  C4   . ZGU A 1 ? 0.0361 0.0841 0.0559 -0.0046 0.0001  0.0097  1    ZGU A C4   
10  C  C5   . ZGU A 1 ? 0.0299 0.0921 0.0683 -0.0090 0.0021  0.0100  1    ZGU A C5   
11  N  N3   . ZGU A 1 ? 0.0429 0.0772 0.0558 0.0003  -0.0051 0.0164  1    ZGU A N3   
12  C  C2   . ZGU A 1 ? 0.0304 0.0790 0.0593 0.0034  -0.0074 0.0169  1    ZGU A C2   
13  N  N2   . ZGU A 1 ? 0.0344 0.0839 0.0691 0.0024  -0.0048 0.0248  1    ZGU A N2   
14  N  N1   . ZGU A 1 ? 0.0278 0.0763 0.0668 0.0022  -0.0078 0.0204  1    ZGU A N1   
15  C  C6   . ZGU A 1 ? 0.0292 0.0963 0.0694 0.0054  -0.0115 0.0085  1    ZGU A C6   
16  O  O6   . ZGU A 1 ? 0.0349 0.1057 0.0886 0.0050  -0.0164 0.0269  1    ZGU A O6   
17  H  H3G1 . ZGU A 1 ? 0.0891 0.1003 0.0878 -0.0084 -0.0024 0.0147  1    ZGU A H3G1 
18  H  H3G2 . ZGU A 1 ? 0.0903 0.1016 0.0884 -0.0081 -0.0022 0.0153  1    ZGU A H3G2 
19  H  H2G  . ZGU A 1 ? 0.0742 0.0905 0.0750 -0.0137 0.0017  0.0156  1    ZGU A H2G  
20  H  H1G1 . ZGU A 1 ? 0.0641 0.0815 0.0700 -0.0045 0.0019  0.0141  1    ZGU A H1G1 
21  H  H1G2 . ZGU A 1 ? 0.0652 0.0820 0.0707 -0.0042 0.0019  0.0142  1    ZGU A H1G2 
22  H  H8   . ZGU A 1 ? 0.0401 0.0881 0.0698 -0.0001 -0.0063 0.0150  1    ZGU A H8   
23  H  H2N1 . ZGU A 1 ? 0.0393 0.0900 0.0699 -0.0007 -0.0053 0.0148  1    ZGU A H2N1 
24  H  H2N2 . ZGU A 1 ? 0.0402 0.0894 0.0694 -0.0024 -0.0037 0.0152  1    ZGU A H2N2 
25  H  H1   . ZGU A 1 ? 0.0478 0.0867 0.0690 -0.0017 -0.0038 0.0149  1    ZGU A H1   
26  P  P    . ZBC A 2 ? 0.1239 0.1122 0.0752 -0.0565 -0.0119 0.0272  2    ZBC A P    
27  BR BR5  . ZBC A 2 ? 0.0462 0.1074 0.1096 0.0101  -0.0283 0.0213  2    ZBC A BR5  
28  C  C5   . ZBC A 2 ? 0.0333 0.0732 0.0819 0.0056  -0.0198 0.0043  2    ZBC A C5   
29  C  C4   . ZBC A 2 ? 0.0347 0.0571 0.0735 0.0009  -0.0174 0.0212  2    ZBC A C4   
30  N  N4   . ZBC A 2 ? 0.0399 0.0754 0.0912 0.0073  -0.0220 0.0280  2    ZBC A N4   
31  N  N3   . ZBC A 2 ? 0.0290 0.0639 0.0792 -0.0013 -0.0133 0.0185  2    ZBC A N3   
32  C  C2   . ZBC A 2 ? 0.0347 0.0597 0.0664 0.0013  -0.0180 0.0127  2    ZBC A C2   
33  O  O2   . ZBC A 2 ? 0.0428 0.0802 0.0703 -0.0074 -0.0176 0.0164  2    ZBC A O2   
34  C  C6   . ZBC A 2 ? 0.0262 0.0801 0.0781 0.0017  -0.0062 0.0036  2    ZBC A C6   
35  N  N1   . ZBC A 2 ? 0.0290 0.0781 0.0741 -0.0032 -0.0080 0.0111  2    ZBC A N1   
36  C  C1G  . ZBC A 2 ? 0.0435 0.0969 0.0666 -0.0144 0.0011  0.0140  2    ZBC A C1G  
37  C  C2G  . ZBC A 2 ? 0.0499 0.0967 0.0560 -0.0117 -0.0048 0.0243  2    ZBC A C2G  
38  O  O2G  . ZBC A 2 ? 0.0384 0.0809 0.0683 -0.0099 -0.0089 0.0149  2    ZBC A O2G  
39  C  C3G  . ZBC A 2 ? 0.0845 0.1097 0.0635 -0.0361 -0.0089 0.0203  2    ZBC A C3G  
40  O  O3G  . ZBC A 2 ? 0.1013 0.1027 0.0756 -0.0413 -0.0004 0.0277  2    ZBC A O3G  
41  O  O1P  . ZBC A 2 ? 0.1439 0.1335 0.1121 -0.0875 -0.0356 0.0388  2    ZBC A O1P  
42  O  O2P  . ZBC A 2 ? 0.1760 0.1338 0.1040 -0.0400 0.0198  0.0030  2    ZBC A O2P  
43  H  H6   . ZBC A 2 ? 0.0391 0.0751 0.0751 0.0008  -0.0119 0.0123  2    ZBC A H6   
44  H  H41N . ZBC A 2 ? 0.0393 0.0745 0.0716 -0.0002 -0.0116 0.0137  2    ZBC A H41N 
45  H  H42N . ZBC A 2 ? 0.0403 0.0770 0.0752 -0.0009 -0.0113 0.0152  2    ZBC A H42N 
46  H  H1G1 . ZBC A 2 ? 0.0505 0.0824 0.0666 -0.0064 -0.0010 0.0113  2    ZBC A H1G1 
47  H  H1G2 . ZBC A 2 ? 0.0491 0.0823 0.0661 -0.0063 -0.0012 0.0112  2    ZBC A H1G2 
48  H  H2G  . ZBC A 2 ? 0.0559 0.0870 0.0648 -0.0104 -0.0030 0.0146  2    ZBC A H2G  
49  H  H3G1 . ZBC A 2 ? 0.0828 0.1026 0.0736 -0.0207 -0.0022 0.0167  2    ZBC A H3G1 
50  H  H3G2 . ZBC A 2 ? 0.0833 0.0976 0.0729 -0.0199 -0.0018 0.0156  2    ZBC A H3G2 
51  P  P    . ZGU A 3 ? 0.0503 0.0718 0.0616 -0.0071 -0.0182 0.0217  3    ZGU A P    
52  O  O1P  . ZGU A 3 ? 0.0585 0.1000 0.0728 -0.0123 -0.0249 0.0109  3    ZGU A O1P  
53  O  O2P  . ZGU A 3 ? 0.0945 0.0701 0.0884 0.0118  -0.0046 0.0268  3    ZGU A O2P  
54  O  O3G  . ZGU A 3 ? 0.0332 0.0682 0.0718 0.0050  -0.0156 0.0153  3    ZGU A O3G  
55  C  C3G  . ZGU A 3 ? 0.0412 0.0892 0.0780 0.0122  -0.0215 0.0194  3    ZGU A C3G  
56  C  C2G  . ZGU A 3 ? 0.0347 0.0965 0.0644 0.0140  -0.0145 0.0075  3    ZGU A C2G  
57  O  O2G  . ZGU A 3 ? 0.0264 0.1144 0.0690 0.0069  -0.0049 0.0002  3    ZGU A O2G  
58  C  C1G  . ZGU A 3 ? 0.0305 0.0888 0.0864 0.0061  -0.0162 0.0062  3    ZGU A C1G  
59  N  N9   . ZGU A 3 ? 0.0292 0.0773 0.0943 0.0058  -0.0138 0.0095  3    ZGU A N9   
60  C  C8   . ZGU A 3 ? 0.0460 0.0959 0.0934 0.0081  -0.0297 0.0173  3    ZGU A C8   
61  N  N7   . ZGU A 3 ? 0.0485 0.0955 0.0948 0.0103  -0.0321 0.0264  3    ZGU A N7   
62  C  C4   . ZGU A 3 ? 0.0306 0.0772 0.0774 0.0099  -0.0119 0.0071  3    ZGU A C4   
63  C  C5   . ZGU A 3 ? 0.0479 0.0756 0.0815 0.0131  -0.0255 0.0121  3    ZGU A C5   
64  N  N3   . ZGU A 3 ? 0.0336 0.0797 0.0684 0.0049  -0.0163 0.0140  3    ZGU A N3   
65  C  C2   . ZGU A 3 ? 0.0323 0.0686 0.0736 0.0032  -0.0159 0.0052  3    ZGU A C2   
66  N  N2   . ZGU A 3 ? 0.0335 0.0708 0.0747 0.0044  -0.0172 0.0154  3    ZGU A N2   
67  N  N1   . ZGU A 3 ? 0.0326 0.0759 0.0791 -0.0044 -0.0197 0.0133  3    ZGU A N1   
68  C  C6   . ZGU A 3 ? 0.0549 0.0698 0.0739 0.0061  -0.0237 0.0149  3    ZGU A C6   
69  O  O6   . ZGU A 3 ? 0.0608 0.1034 0.0835 -0.0148 -0.0178 0.0312  3    ZGU A O6   
70  H  H3G1 . ZGU A 3 ? 0.0465 0.0789 0.0701 0.0081  -0.0127 0.0112  3    ZGU A H3G1 
71  H  H3G2 . ZGU A 3 ? 0.0474 0.0825 0.0724 0.0086  -0.0120 0.0126  3    ZGU A H3G2 
72  H  H2G  . ZGU A 3 ? 0.0410 0.0864 0.0708 0.0093  -0.0105 0.0066  3    ZGU A H2G  
73  H  H1G1 . ZGU A 3 ? 0.0413 0.0794 0.0770 0.0073  -0.0107 0.0057  3    ZGU A H1G1 
74  H  H1G2 . ZGU A 3 ? 0.0439 0.0804 0.0787 0.0063  -0.0101 0.0056  3    ZGU A H1G2 
75  H  H8   . ZGU A 3 ? 0.0432 0.0797 0.0780 0.0035  -0.0195 0.0146  3    ZGU A H8   
76  H  H2N1 . ZGU A 3 ? 0.0434 0.0803 0.0795 0.0051  -0.0189 0.0153  3    ZGU A H2N1 
77  H  H2N2 . ZGU A 3 ? 0.0415 0.0809 0.0803 0.0054  -0.0201 0.0144  3    ZGU A H2N2 
78  H  H1   . ZGU A 3 ? 0.0391 0.0811 0.0829 0.0043  -0.0194 0.0125  3    ZGU A H1   
79  O  O2   . ZCY A 4 ? 0.0369 0.1196 0.0529 0.0108  -0.0125 0.0232  4    ZCY A O2   
80  C  C2   . ZCY A 4 ? 0.0421 0.1001 0.0555 0.0013  -0.0196 0.0220  4    ZCY A C2   
81  N  N3   . ZCY A 4 ? 0.0451 0.0971 0.0573 -0.0048 -0.0199 0.0338  4    ZCY A N3   
82  C  C4   . ZCY A 4 ? 0.0540 0.1449 0.0699 -0.0321 -0.0213 0.0459  4    ZCY A C4   
83  N  N4   . ZCY A 4 ? 0.0701 0.1760 0.0760 -0.0292 -0.0224 0.0597  4    ZCY A N4   
84  C  C5   . ZCY A 4 ? 0.0814 0.1659 0.0753 -0.0340 -0.0173 0.0586  4    ZCY A C5   
85  C  C6   . ZCY A 4 ? 0.0748 0.1304 0.0768 -0.0178 -0.0178 0.0449  4    ZCY A C6   
86  N  N1   . ZCY A 4 ? 0.0442 0.1066 0.0601 0.0084  -0.0191 0.0262  4    ZCY A N1   
87  C  C1G  . ZCY A 4 ? 0.0469 0.1167 0.0703 0.0193  -0.0190 0.0276  4    ZCY A C1G  
88  C  C2G  . ZCY A 4 ? 0.0331 0.1047 0.0450 0.0122  -0.0065 0.0190  4    ZCY A C2G  
89  O  O2G  . ZCY A 4 ? 0.0347 0.1037 0.0541 0.0144  -0.0027 0.0358  4    ZCY A O2G  
90  C  C3G  . ZCY A 4 ? 0.0340 0.1307 0.0539 0.0159  -0.0040 0.0144  4    ZCY A C3G  
91  O  O3G  . ZCY A 4 ? 0.0370 0.1306 0.0752 0.0080  -0.0008 0.0020  4    ZCY A O3G  
92  P  P    . ZCY A 4 ? 0.0343 0.1283 0.0807 0.0027  -0.0063 -0.0059 4    ZCY A P    
93  O  O2P  . ZCY A 4 ? 0.0429 0.1854 0.0865 -0.0011 -0.0072 -0.0308 4    ZCY A O2P  
94  O  O1P  . ZCY A 4 ? 0.0550 0.1092 0.1291 0.0216  -0.0058 -0.0027 4    ZCY A O1P  
95  H  H4N1 . ZCY A 4 ? 0.0535 0.1201 0.0700 -0.0039 -0.0147 0.0306  4    ZCY A H4N1 
96  H  H4N2 . ZCY A 4 ? 0.0562 0.1198 0.0694 -0.0041 -0.0137 0.0312  4    ZCY A H4N2 
97  H  H5   . ZCY A 4 ? 0.0624 0.1229 0.0717 -0.0053 -0.0116 0.0323  4    ZCY A H5   
98  H  H6   . ZCY A 4 ? 0.0618 0.1257 0.0719 -0.0074 -0.0138 0.0339  4    ZCY A H6   
99  H  H1G1 . ZCY A 4 ? 0.0531 0.0970 0.0694 0.0102  -0.0117 0.0177  4    ZCY A H1G1 
100 H  H1G2 . ZCY A 4 ? 0.0520 0.0959 0.0669 0.0106  -0.0109 0.0180  4    ZCY A H1G2 
101 H  H3G1 . ZCY A 4 ? 0.0492 0.1105 0.0659 0.0106  -0.0026 0.0117  4    ZCY A H3G1 
102 H  H3G2 . ZCY A 4 ? 0.0480 0.1050 0.0644 0.0089  -0.0032 0.0098  4    ZCY A H3G2 
103 H  H2   . ZCY A 4 ? 0.0447 0.0960 0.0585 0.0106  -0.0060 0.0176  4    ZCY A H2   
104 P  P    . ZGU A 5 ? 0.0627 0.1327 0.0489 0.0426  -0.0072 0.0280  5    ZGU A P    
105 O  O1P  . ZGU A 5 ? 0.1156 0.1878 0.0981 0.0586  0.0342  0.0755  5    ZGU A O1P  
106 O  O2P  . ZGU A 5 ? 0.1190 0.1440 0.1093 0.0182  -0.0711 0.0058  5    ZGU A O2P  
107 O  O3G  . ZGU A 5 ? 0.0461 0.1035 0.0599 0.0156  -0.0131 0.0319  5    ZGU A O3G  
108 C  C3G  . ZGU A 5 ? 0.0383 0.1016 0.0722 0.0137  -0.0119 0.0338  5    ZGU A C3G  
109 C  C2G  . ZGU A 5 ? 0.0374 0.0945 0.0545 0.0115  -0.0060 0.0294  5    ZGU A C2G  
110 O  O2G  . ZGU A 5 ? 0.0432 0.1420 0.0431 0.0358  -0.0008 0.0266  5    ZGU A O2G  
111 C  C1G  . ZGU A 5 ? 0.0520 0.0916 0.0513 0.0155  -0.0133 0.0255  5    ZGU A C1G  
112 N  N9   . ZGU A 5 ? 0.0497 0.0890 0.0576 0.0074  -0.0163 0.0261  5    ZGU A N9   
113 C  C8   . ZGU A 5 ? 0.0566 0.1121 0.0722 -0.0086 -0.0051 0.0330  5    ZGU A C8   
114 N  N7   . ZGU A 5 ? 0.0499 0.1159 0.0610 0.0009  -0.0089 0.0443  5    ZGU A N7   
115 C  C4   . ZGU A 5 ? 0.0577 0.0774 0.0428 0.0149  -0.0092 0.0192  5    ZGU A C4   
116 C  C5   . ZGU A 5 ? 0.0351 0.0878 0.0628 0.0065  -0.0107 0.0229  5    ZGU A C5   
117 N  N3   . ZGU A 5 ? 0.0410 0.0720 0.0517 0.0155  -0.0066 0.0207  5    ZGU A N3   
118 C  C2   . ZGU A 5 ? 0.0359 0.0646 0.0535 0.0079  -0.0064 0.0236  5    ZGU A C2   
119 N  N2   . ZGU A 5 ? 0.0371 0.0772 0.0508 0.0063  -0.0073 0.0219  5    ZGU A N2   
120 N  N1   . ZGU A 5 ? 0.0389 0.0824 0.0492 0.0077  -0.0101 0.0235  5    ZGU A N1   
121 C  C6   . ZGU A 5 ? 0.0449 0.0890 0.0516 0.0082  -0.0145 0.0245  5    ZGU A C6   
122 O  O6   . ZGU A 5 ? 0.0395 0.1185 0.0691 0.0076  -0.0174 0.0354  5    ZGU A O6   
123 H  H3G1 . ZGU A 5 ? 0.0496 0.0896 0.0685 0.0092  -0.0072 0.0223  5    ZGU A H3G1 
124 H  H3G2 . ZGU A 5 ? 0.0501 0.0920 0.0708 0.0099  -0.0062 0.0243  5    ZGU A H3G2 
125 H  H2G  . ZGU A 5 ? 0.0477 0.0905 0.0593 0.0118  -0.0052 0.0220  5    ZGU A H2G  
126 H  H1G1 . ZGU A 5 ? 0.0523 0.0812 0.0585 0.0084  -0.0079 0.0181  5    ZGU A H1G1 
127 H  H1G2 . ZGU A 5 ? 0.0526 0.0815 0.0591 0.0084  -0.0082 0.0180  5    ZGU A H1G2 
128 H  H8   . ZGU A 5 ? 0.0452 0.0867 0.0571 0.0055  -0.0086 0.0251  5    ZGU A H8   
129 H  H2N1 . ZGU A 5 ? 0.0460 0.0902 0.0582 0.0059  -0.0097 0.0255  5    ZGU A H2N1 
130 H  H2N2 . ZGU A 5 ? 0.0475 0.0900 0.0574 0.0061  -0.0099 0.0260  5    ZGU A H2N2 
131 H  H1   . ZGU A 5 ? 0.0488 0.0892 0.0574 0.0049  -0.0095 0.0262  5    ZGU A H1   
132 O  O2   . ZCY A 6 ? 0.0293 0.0835 0.0669 0.0072  -0.0055 0.0287  6    ZCY A O2   
133 C  C2   . ZCY A 6 ? 0.0315 0.0847 0.0607 -0.0005 -0.0104 0.0336  6    ZCY A C2   
134 N  N3   . ZCY A 6 ? 0.0324 0.0809 0.0676 0.0065  -0.0058 0.0285  6    ZCY A N3   
135 C  C4   . ZCY A 6 ? 0.0398 0.1038 0.0692 0.0054  -0.0221 0.0193  6    ZCY A C4   
136 N  N4   . ZCY A 6 ? 0.0462 0.1323 0.0877 0.0078  -0.0221 0.0324  6    ZCY A N4   
137 C  C5   . ZCY A 6 ? 0.0326 0.1382 0.0872 -0.0069 -0.0187 0.0326  6    ZCY A C5   
138 C  C6   . ZCY A 6 ? 0.0284 0.1348 0.0752 0.0018  -0.0064 0.0311  6    ZCY A C6   
139 N  N1   . ZCY A 6 ? 0.0349 0.0917 0.0623 0.0005  -0.0034 0.0351  6    ZCY A N1   
140 C  C1G  . ZCY A 6 ? 0.0423 0.0887 0.0692 -0.0014 0.0018  0.0326  6    ZCY A C1G  
141 C  C2G  . ZCY A 6 ? 0.0449 0.0970 0.0671 0.0323  0.0092  0.0299  6    ZCY A C2G  
142 O  O2G  . ZCY A 6 ? 0.0820 0.1528 0.0755 0.0684  0.0007  0.0206  6    ZCY A O2G  
143 C  C3G  . ZCY A 6 ? 0.0453 0.0974 0.0702 0.0330  0.0025  0.0314  6    ZCY A C3G  
144 O  O3G  . ZCY A 6 ? 0.0697 0.1759 0.0678 0.0620  0.0066  0.0349  6    ZCY A O3G  
145 P  P    . ZCY A 6 ? 0.0931 0.1570 0.0638 0.0649  -0.0115 0.0168  6    ZCY A P    
146 O  O2P  . ZCY A 6 ? 0.1412 0.2023 0.0662 0.0936  0.0138  0.0333  6    ZCY A O2P  
147 O  O1P  . ZCY A 6 ? 0.0749 0.1709 0.1393 0.0312  -0.0555 -0.0187 6    ZCY A O1P  
148 H  H4N1 . ZCY A 6 ? 0.0415 0.0982 0.0696 0.0042  -0.0104 0.0279  6    ZCY A H4N1 
149 H  H4N2 . ZCY A 6 ? 0.0386 0.0986 0.0709 0.0034  -0.0090 0.0274  6    ZCY A H4N2 
150 H  H5   . ZCY A 6 ? 0.0377 0.0990 0.0740 0.0011  -0.0076 0.0245  6    ZCY A H5   
151 H  H6   . ZCY A 6 ? 0.0390 0.1047 0.0751 0.0032  -0.0087 0.0261  6    ZCY A H6   
152 H  H1G1 . ZCY A 6 ? 0.0495 0.0824 0.0673 0.0039  0.0014  0.0224  6    ZCY A H1G1 
153 H  H1G2 . ZCY A 6 ? 0.0475 0.0808 0.0666 0.0031  0.0021  0.0228  6    ZCY A H1G2 
154 H  H3G1 . ZCY A 6 ? 0.0588 0.1027 0.0748 0.0247  0.0017  0.0225  6    ZCY A H3G1 
155 H  H3G2 . ZCY A 6 ? 0.0583 0.1015 0.0738 0.0243  0.0018  0.0221  6    ZCY A H3G2 
156 H  H2   . ZCY A 6 ? 0.0569 0.0960 0.0725 0.0216  0.0025  0.0212  6    ZCY A H2   
157 CO CO   A NCO B . ? 0.0430 0.0557 0.1297 0.0132  -0.0324 0.0058  1001 NCO A CO   
158 CO CO   B NCO B . ? 0.1061 0.0934 0.1381 0.0162  -0.0022 0.0024  1001 NCO A CO   
159 N  N1   A NCO B . ? 0.0591 0.0941 0.1341 0.0354  -0.0101 -0.0042 1001 NCO A N1   
160 N  N1   B NCO B . ? 0.0836 0.1098 0.1546 0.0256  0.0019  0.0045  1001 NCO A N1   
161 N  N2   A NCO B . ? 0.0396 0.0807 0.1123 0.0125  -0.0208 0.0067  1001 NCO A N2   
162 N  N2   B NCO B . ? 0.0449 0.0474 0.1046 0.0208  0.0196  0.0219  1001 NCO A N2   
163 N  N3   A NCO B . ? 0.0741 0.0760 0.1216 0.0115  -0.0296 0.0152  1001 NCO A N3   
164 N  N3   B NCO B . ? 0.0664 0.0892 0.0981 0.0329  0.0139  0.0077  1001 NCO A N3   
165 N  N4   A NCO B . ? 0.0748 0.0900 0.1270 0.0065  -0.0226 -0.0026 1001 NCO A N4   
166 N  N4   B NCO B . ? 0.1032 0.0972 0.1159 0.0051  -0.0028 0.0143  1001 NCO A N4   
167 N  N5   A NCO B . ? 0.0677 0.0823 0.1071 0.0024  -0.0343 0.0233  1001 NCO A N5   
168 N  N5   B NCO B . ? 0.0784 0.0949 0.1206 0.0132  -0.0038 -0.0008 1001 NCO A N5   
169 N  N6   A NCO B . ? 0.0646 0.0449 0.1135 0.0115  -0.0460 0.0102  1001 NCO A N6   
170 N  N6   B NCO B . ? 0.0796 0.1068 0.1332 0.0046  0.0058  0.0203  1001 NCO A N6   
207 CO CO   A NCO C . ? 0.0538 0.1199 0.1729 -0.0012 0.0255  -0.0351 1002 NCO A CO   
208 CO CO   B NCO C . ? 0.0515 0.1018 0.1466 -0.0022 0.0193  0.0047  1002 NCO A CO   
209 N  N1   A NCO C . ? 0.0631 0.1319 0.1689 0.0033  0.0134  -0.0210 1002 NCO A N1   
210 N  N1   B NCO C . ? 0.0267 0.0484 0.0305 0.0055  0.0026  0.0110  1002 NCO A N1   
211 N  N2   A NCO C . ? 0.0635 0.1511 0.1859 -0.0094 0.0277  -0.0401 1002 NCO A N2   
212 N  N2   B NCO C . ? 0.0289 0.0843 0.0716 0.0064  -0.0033 0.0121  1002 NCO A N2   
213 N  N3   A NCO C . ? 0.0529 0.1704 0.2030 -0.0117 0.0029  -0.0260 1002 NCO A N3   
214 N  N3   B NCO C . ? 0.0797 0.1289 0.1278 -0.0315 0.0183  0.0117  1002 NCO A N3   
215 N  N4   A NCO C . ? 0.0584 0.1460 0.1863 -0.0131 0.0186  -0.0279 1002 NCO A N4   
216 N  N4   B NCO C . ? 0.0805 0.1363 0.1246 -0.0086 0.0008  0.0132  1002 NCO A N4   
217 N  N5   A NCO C . ? 0.0900 0.1440 0.1764 0.0251  0.0471  -0.0225 1002 NCO A N5   
218 N  N5   B NCO C . ? 0.0428 0.1147 0.1554 -0.0133 0.0038  0.0157  1002 NCO A N5   
219 N  N6   A NCO C . ? 0.0876 0.1462 0.1401 -0.0044 0.0384  -0.0410 1002 NCO A N6   
220 N  N6   B NCO C . ? 0.0531 0.1276 0.1324 -0.0101 -0.0087 0.0095  1002 NCO A N6   
257 MG MG   . MG  D . ? 0.1333 0.1723 0.1395 0.0210  -0.0039 0.0505  1003 MG  A MG   
258 O  O    . HOH E . ? 0.1710 0.2991 0.3152 0.0811  -0.0110 0.0512  2001 HOH A O    
259 O  O    . HOH E . ? 0.3163 0.2001 0.1414 -0.0183 0.0811  -0.0027 2002 HOH A O    
260 O  O    . HOH E . ? 0.1509 0.1610 0.2447 -0.0047 0.0173  0.0455  2003 HOH A O    
261 O  O    . HOH E . ? 0.0506 0.1868 0.1264 0.0194  -0.0068 0.1112  2004 HOH A O    
262 O  O    . HOH E . ? 0.1928 0.3590 0.2467 0.0068  0.0065  0.1058  2005 HOH A O    
263 O  O    . HOH E . ? 0.0686 0.0977 0.1049 0.0253  -0.0317 0.0353  2006 HOH A O    
264 O  O    . HOH E . ? 0.1773 0.1739 0.1204 0.0721  0.0002  0.0198  2007 HOH A O    
265 O  O    . HOH E . ? 0.3996 0.4485 0.4181 0.0069  0.0311  0.0237  2008 HOH A O    
266 O  O    . HOH E . ? 0.1525 0.2026 0.2178 0.0312  -0.0343 0.0336  2009 HOH A O    
267 O  O    . HOH E . ? 0.1767 0.2032 0.2423 0.0041  -0.0234 0.0261  2010 HOH A O    
268 O  O    . HOH E . ? 0.2230 0.2295 0.2920 0.0554  -0.0140 0.0152  2011 HOH A O    
269 O  O    . HOH E . ? 0.2801 0.3764 0.3458 0.0460  0.0173  0.0336  2012 HOH A O    
270 O  O    . HOH E . ? 0.1069 0.1776 0.1211 -0.0307 -0.0173 0.0451  2013 HOH A O    
271 O  O    . HOH E . ? 0.3214 0.2948 0.2905 0.0173  -0.0261 0.0086  2014 HOH A O    
272 O  O    . HOH E . ? 0.2931 0.3999 0.3988 0.0250  0.0071  0.0614  2015 HOH A O    
273 O  O    . HOH E . ? 0.0989 0.2414 0.1159 0.0583  0.0155  0.0338  2016 HOH A O    
274 O  O    . HOH E . ? 0.0673 0.1253 0.1445 0.0481  -0.0246 0.0406  2017 HOH A O    
275 O  O    . HOH E . ? 0.0856 0.2235 0.1038 0.0116  -0.0145 0.0923  2018 HOH A O    
276 O  O    . HOH E . ? 0.0694 0.1371 0.0889 0.0029  -0.0053 0.0595  2019 HOH A O    
277 O  O    . HOH E . ? 0.2097 0.3084 0.1738 -0.0265 -0.0113 -0.0033 2020 HOH A O    
278 O  O    . HOH E . ? 0.2489 0.2391 0.1583 -0.0662 0.0283  0.0724  2021 HOH A O    
279 O  O    . HOH E . ? 0.1302 0.2452 0.2110 -0.0049 -0.0391 0.0579  2022 HOH A O    
280 O  O    . HOH E . ? 0.2304 0.2701 0.3040 -0.1173 -0.0069 -0.0767 2023 HOH A O    
281 O  O    . HOH E . ? 0.0818 0.1468 0.1311 0.0051  -0.0096 0.0210  2024 HOH A O    
282 O  O    . HOH E . ? 0.1095 0.1557 0.1138 0.0142  0.0152  0.0205  2025 HOH A O    
283 O  O    . HOH E . ? 0.2810 0.2750 0.3042 0.0429  -0.1100 0.0390  2026 HOH A O    
284 O  O    . HOH E . ? 0.1042 0.1482 0.1495 0.0228  0.0103  0.0338  2027 HOH A O    
285 O  O    . HOH E . ? 0.1108 0.1617 0.3310 -0.0223 -0.0065 0.0015  2028 HOH A O    
286 O  O    . HOH E . ? 0.0688 0.1248 0.0978 0.0110  -0.0188 0.0421  2029 HOH A O    
287 O  O    . HOH E . ? 0.3761 0.2650 0.3169 -0.0178 0.0472  0.0245  2030 HOH A O    
288 O  O    . HOH E . ? 0.1082 0.2695 0.1771 -0.0410 -0.0215 0.1155  2031 HOH A O    
289 O  O    . HOH E . ? 0.0953 0.2672 0.1187 0.0422  -0.0293 0.0494  2032 HOH A O    
290 O  O    . HOH E . ? 0.1965 0.1495 0.1682 -0.0224 0.0464  0.0355  2033 HOH A O    
291 O  O    . HOH E . ? 0.3854 0.3740 0.1941 0.0068  -0.0292 -0.0619 2034 HOH A O    
292 O  O    . HOH E . ? 0.0436 0.1281 0.0921 -0.0073 -0.0130 -0.0147 2035 HOH A O    
293 O  O    . HOH E . ? 0.0674 0.1583 0.1818 0.0111  0.0178  0.0590  2036 HOH A O    
294 O  O    . HOH E . ? 0.1536 0.2942 0.1808 -0.0082 -0.0512 0.0249  2037 HOH A O    
295 O  O    . HOH E . ? 0.0777 0.2353 0.2356 0.0376  0.0031  0.0954  2038 HOH A O    
296 O  O    . HOH E . ? 0.0716 0.1431 0.1061 -0.0126 -0.0121 0.0422  2039 HOH A O    
297 O  O    . HOH E . ? 0.1497 0.2355 0.2895 -0.0222 -0.0457 0.1100  2040 HOH A O    
298 O  O    . HOH E . ? 0.1183 0.2445 0.1908 0.0546  0.0209  0.0818  2041 HOH A O    
299 O  O    . HOH E . ? 0.0955 0.2488 0.1940 0.0424  -0.0798 -0.0077 2042 HOH A O    
300 O  O    . HOH E . ? 0.1078 0.2535 0.1625 0.0057  0.0041  0.1087  2043 HOH A O    
301 O  O    . HOH E . ? 0.3364 0.3241 0.3453 -0.0138 0.0272  0.0407  2044 HOH A O    
302 O  O    . HOH E . ? 0.0938 0.1488 0.2291 0.0187  0.0478  0.0566  2045 HOH A O    
303 O  O    . HOH E . ? 0.1445 0.2246 0.2158 0.0206  -0.0408 0.0526  2046 HOH A O    
304 O  O    . HOH E . ? 0.3832 0.2408 0.3666 -0.0993 0.1033  0.0522  2047 HOH A O    
305 O  O    . HOH E . ? 0.1946 0.1616 0.2489 0.0216  -0.0502 0.0665  2048 HOH A O    
306 O  O    . HOH E . ? 0.1575 0.1466 0.2092 -0.0025 -0.0204 0.0122  2049 HOH A O    
307 O  O    . HOH E . ? 0.1183 0.1583 0.2698 0.0362  -0.0421 0.0104  2050 HOH A O    
308 O  O    . HOH E . ? 0.3568 0.2658 0.3444 0.0316  -0.0102 0.0019  2051 HOH A O    
309 O  O    . HOH E . ? 0.2185 0.2519 0.2919 0.0367  -0.0403 0.0184  2052 HOH A O    
310 O  O    . HOH E . ? 0.1095 0.2182 0.2433 -0.0128 0.0133  -0.0211 2053 HOH A O    
311 O  O    . HOH E . ? 0.0978 0.1641 0.1493 0.0033  0.0111  -0.0196 2054 HOH A O    
312 O  O    . HOH E . ? 0.2934 0.2727 0.2958 0.0015  -0.0282 0.0093  2055 HOH A O    
313 O  O    . HOH E . ? 0.3620 0.4132 0.3285 0.0163  -0.0260 0.0081  2056 HOH A O    
314 O  O    . HOH E . ? 0.2817 0.1861 0.1351 0.0781  0.0177  0.0813  2057 HOH A O    
315 O  O    . HOH E . ? 0.5898 0.5796 0.5887 -0.0083 -0.0045 0.0066  2058 HOH A O    
# 
